data_4QJG
#
_entry.id   4QJG
#
_cell.length_a   66.723
_cell.length_b   70.019
_cell.length_c   114.625
_cell.angle_alpha   90.00
_cell.angle_beta   96.93
_cell.angle_gamma   90.00
#
_symmetry.space_group_name_H-M   'P 1 21 1'
#
loop_
_entity.id
_entity.type
_entity.pdbx_description
1 polymer 'Peptidoglycan glycosyltransferase'
2 non-polymer '(2R,4S)-5,5-dimethyl-2-{(1R)-2-oxo-1-[(phenoxyacetyl)amino]ethyl}-1,3-thiazolidine-4-carboxylic acid'
3 water water
#
_entity_poly.entity_id   1
_entity_poly.type   'polypeptide(L)'
_entity_poly.pdbx_seq_one_letter_code
;(MSE)HHHHHHSSGVDLWSHPQFEKGTENLYFQSNAIDAPRLQALPTNNHTIAKSAYVQRGAIITSDGVTLAESVKQDDG
TYVRNYPHDG(MSE)ASHTVGYISTQYGTAGIESS(MSE)NETLTGHADHSDWRSALYS(MSE)AGINTTGSSVVLTINS
Q(MSE)QAVAEAALQGYSGSIVV(MSE)DPSTGAVLAKASSPSYTHAELGTIIESGTGSQLVDRTTQALYSPGSSFKTVT
LAAGIDTHKTTLDTTYSAPGT(MSE)EIGGGTIHNYANED(MSE)GTIPLREAFARSSNTALAQLGVALGADNLVSYARA
FGYGTALGQDFSTTPSL(MSE)PNPAE(MSE)TTWELAWASCGLPVGEHASPAGPQTTV(MSE)QNAVIAAAIANGGVV
(MSE)NPYIVDRVLSPEGAVVSTTSPKSLGQAVSADTAAQVREA(MSE)LGVVESGTG(MSE)GARVPGVKIAGKTGTAD
VENGNFNSFFIGFAPYDHPTLVVSVVIEGNGENVLGYGAQVGGRVLAQCLNIQALGAAS
;
_entity_poly.pdbx_strand_id   A,B
#
loop_
_chem_comp.id
_chem_comp.type
_chem_comp.name
_chem_comp.formula
35P non-polymer '(2R,4S)-5,5-dimethyl-2-{(1R)-2-oxo-1-[(phenoxyacetyl)amino]ethyl}-1,3-thiazolidine-4-carboxylic acid' 'C16 H20 N2 O5 S'
#
# COMPACT_ATOMS: atom_id res chain seq x y z
N ALA A 52 15.10 -46.94 11.09
CA ALA A 52 14.89 -45.80 12.01
C ALA A 52 15.87 -45.77 13.19
N TYR A 53 16.90 -46.61 13.16
CA TYR A 53 17.90 -46.63 14.24
C TYR A 53 19.04 -45.65 14.00
N VAL A 54 19.02 -45.05 12.81
CA VAL A 54 20.06 -44.11 12.41
C VAL A 54 19.54 -42.69 12.56
N GLN A 55 20.21 -41.91 13.41
CA GLN A 55 19.85 -40.51 13.62
C GLN A 55 19.95 -39.69 12.35
N ARG A 56 18.83 -39.07 11.99
CA ARG A 56 18.73 -38.29 10.79
C ARG A 56 19.27 -36.88 11.09
N GLY A 57 19.96 -36.28 10.12
CA GLY A 57 20.50 -34.92 10.28
C GLY A 57 19.46 -33.81 10.48
N ALA A 58 19.91 -32.62 10.92
CA ALA A 58 19.00 -31.51 11.18
C ALA A 58 18.85 -30.60 9.98
N ILE A 59 17.79 -29.79 10.00
CA ILE A 59 17.51 -28.79 8.95
C ILE A 59 17.48 -27.45 9.68
N ILE A 60 18.33 -26.54 9.26
CA ILE A 60 18.50 -25.27 9.94
C ILE A 60 18.51 -24.11 8.98
N THR A 61 17.98 -22.98 9.42
CA THR A 61 17.96 -21.76 8.60
C THR A 61 19.33 -21.12 8.59
N SER A 62 19.52 -20.19 7.67
CA SER A 62 20.83 -19.56 7.53
C SER A 62 21.17 -18.78 8.77
N ASP A 63 20.16 -18.29 9.50
CA ASP A 63 20.36 -17.54 10.74
C ASP A 63 20.33 -18.43 11.98
N GLY A 64 20.55 -19.74 11.78
CA GLY A 64 20.66 -20.68 12.89
C GLY A 64 19.40 -21.15 13.57
N VAL A 65 18.25 -21.16 12.89
CA VAL A 65 17.06 -21.66 13.58
C VAL A 65 16.81 -23.07 13.12
N THR A 66 16.79 -24.00 14.06
CA THR A 66 16.56 -25.41 13.77
C THR A 66 15.08 -25.65 13.49
N LEU A 67 14.79 -26.16 12.30
CA LEU A 67 13.39 -26.44 11.92
C LEU A 67 13.07 -27.94 11.94
N ALA A 68 14.09 -28.79 12.03
CA ALA A 68 13.87 -30.25 12.06
C ALA A 68 15.05 -30.90 12.72
N GLU A 69 14.76 -31.81 13.62
CA GLU A 69 15.75 -32.55 14.40
C GLU A 69 15.26 -33.97 14.61
N SER A 70 16.18 -34.90 14.87
CA SER A 70 15.78 -36.26 15.19
C SER A 70 16.21 -36.50 16.60
N VAL A 71 15.29 -37.03 17.42
CA VAL A 71 15.60 -37.30 18.81
C VAL A 71 15.56 -38.79 19.16
N LYS A 72 16.64 -39.20 19.80
CA LYS A 72 16.86 -40.54 20.25
C LYS A 72 15.84 -40.95 21.30
N GLN A 73 15.41 -42.19 21.23
CA GLN A 73 14.49 -42.72 22.19
C GLN A 73 15.14 -43.90 22.87
N ASP A 74 14.71 -44.18 24.10
CA ASP A 74 15.21 -45.31 24.87
C ASP A 74 15.06 -46.55 24.02
N ASP A 75 13.90 -46.66 23.37
CA ASP A 75 13.60 -47.75 22.46
C ASP A 75 14.76 -48.08 21.48
N GLY A 76 15.61 -47.09 21.20
CA GLY A 76 16.75 -47.24 20.26
C GLY A 76 16.56 -46.38 19.01
N THR A 77 15.30 -46.25 18.58
CA THR A 77 14.94 -45.48 17.39
C THR A 77 14.98 -43.96 17.61
N TYR A 78 14.80 -43.24 16.52
CA TYR A 78 14.78 -41.78 16.54
C TYR A 78 13.43 -41.26 16.08
N VAL A 79 12.94 -40.20 16.73
CA VAL A 79 11.68 -39.58 16.32
C VAL A 79 11.99 -38.19 15.74
N ARG A 80 11.25 -37.84 14.70
CA ARG A 80 11.47 -36.56 14.01
C ARG A 80 10.67 -35.45 14.68
N ASN A 81 11.39 -34.45 15.20
CA ASN A 81 10.82 -33.29 15.87
C ASN A 81 10.92 -32.06 14.93
N TYR A 82 9.94 -31.15 15.01
CA TYR A 82 9.87 -29.97 14.16
C TYR A 82 9.66 -28.75 15.01
N PRO A 83 10.75 -28.15 15.48
CA PRO A 83 10.64 -26.95 16.27
C PRO A 83 10.07 -25.84 15.36
N HIS A 84 9.38 -24.90 15.96
CA HIS A 84 8.74 -23.84 15.24
C HIS A 84 7.85 -24.40 14.16
N ASP A 85 7.18 -25.47 14.50
CA ASP A 85 6.30 -26.22 13.62
C ASP A 85 5.33 -25.28 12.94
N GLY A 86 5.35 -25.25 11.62
CA GLY A 86 4.47 -24.30 10.91
C GLY A 86 5.33 -23.32 10.09
N MSE A 87 6.60 -23.19 10.44
CA MSE A 87 7.45 -22.30 9.69
C MSE A 87 8.01 -23.03 8.46
O MSE A 87 8.55 -24.13 8.56
CB MSE A 87 8.62 -21.79 10.48
CG MSE A 87 9.41 -20.92 9.52
SE MSE A 87 10.74 -19.90 10.54
CE MSE A 87 9.62 -18.30 10.87
N ALA A 88 7.84 -22.41 7.30
CA ALA A 88 8.34 -22.96 6.06
C ALA A 88 8.05 -24.43 5.91
N SER A 89 6.84 -24.83 6.25
CA SER A 89 6.47 -26.22 6.20
C SER A 89 6.72 -26.90 4.86
N HIS A 90 6.30 -26.28 3.77
CA HIS A 90 6.46 -26.93 2.44
C HIS A 90 7.93 -27.12 2.04
N THR A 91 8.77 -26.21 2.50
CA THR A 91 10.19 -26.25 2.21
C THR A 91 10.91 -27.26 3.10
N VAL A 92 10.60 -27.26 4.39
CA VAL A 92 11.19 -28.24 5.30
C VAL A 92 10.76 -29.63 4.88
N GLY A 93 9.49 -29.77 4.53
CA GLY A 93 8.97 -31.03 4.02
C GLY A 93 8.67 -32.10 5.03
N TYR A 94 8.50 -33.30 4.51
CA TYR A 94 8.13 -34.45 5.30
C TYR A 94 8.21 -35.71 4.49
N ILE A 95 8.20 -36.83 5.21
CA ILE A 95 8.13 -38.19 4.65
C ILE A 95 6.91 -38.83 5.31
N SER A 96 5.79 -38.90 4.58
CA SER A 96 4.56 -39.46 5.12
C SER A 96 3.96 -40.57 4.21
N THR A 97 3.54 -41.69 4.79
CA THR A 97 2.95 -42.76 3.99
C THR A 97 1.67 -42.24 3.35
N GLN A 98 0.89 -41.53 4.13
CA GLN A 98 -0.35 -41.05 3.61
C GLN A 98 -0.29 -39.85 2.70
N TYR A 99 0.52 -38.88 3.10
CA TYR A 99 0.66 -37.64 2.37
C TYR A 99 1.82 -37.50 1.41
N GLY A 100 2.68 -38.50 1.28
CA GLY A 100 3.79 -38.45 0.34
C GLY A 100 5.04 -37.85 0.93
N THR A 101 5.92 -37.39 0.05
CA THR A 101 7.19 -36.80 0.45
C THR A 101 7.30 -35.43 -0.19
N ALA A 102 7.97 -34.53 0.51
CA ALA A 102 8.11 -33.18 0.06
C ALA A 102 9.25 -32.47 0.74
N GLY A 103 9.68 -31.40 0.10
CA GLY A 103 10.74 -30.55 0.61
C GLY A 103 12.13 -31.15 0.83
N ILE A 104 12.84 -30.53 1.74
CA ILE A 104 14.19 -30.93 2.06
C ILE A 104 14.25 -32.34 2.62
N GLU A 105 13.34 -32.72 3.53
CA GLU A 105 13.33 -34.10 4.07
C GLU A 105 13.39 -35.13 2.93
N SER A 106 12.72 -34.83 1.85
CA SER A 106 12.69 -35.68 0.69
C SER A 106 13.92 -35.49 -0.22
N SER A 107 14.14 -34.30 -0.74
CA SER A 107 15.25 -34.03 -1.67
C SER A 107 16.66 -34.27 -1.10
N MSE A 108 16.87 -34.10 0.21
CA MSE A 108 18.20 -34.28 0.82
C MSE A 108 18.14 -35.47 1.70
O MSE A 108 18.87 -35.59 2.70
CB MSE A 108 18.60 -33.10 1.71
CG MSE A 108 18.61 -31.76 0.99
SE MSE A 108 20.05 -31.67 -0.35
CE MSE A 108 18.85 -31.37 -1.90
N ASN A 109 17.24 -36.37 1.35
CA ASN A 109 17.05 -37.55 2.16
C ASN A 109 18.33 -38.36 2.36
N GLU A 110 19.14 -38.55 1.33
CA GLU A 110 20.41 -39.29 1.50
C GLU A 110 21.42 -38.61 2.45
N THR A 111 21.58 -37.30 2.30
CA THR A 111 22.50 -36.55 3.15
C THR A 111 22.01 -36.60 4.57
N LEU A 112 20.71 -36.42 4.72
CA LEU A 112 20.08 -36.47 6.04
C LEU A 112 20.10 -37.93 6.49
N THR A 113 19.94 -38.84 5.53
CA THR A 113 19.97 -40.28 5.81
C THR A 113 21.42 -40.71 5.99
N ASP A 120 28.55 -53.50 3.47
CA ASP A 120 29.57 -53.61 4.52
C ASP A 120 29.11 -54.57 5.63
N TRP A 121 30.07 -55.31 6.19
CA TRP A 121 29.78 -56.35 7.22
C TRP A 121 28.87 -55.96 8.39
N ARG A 122 28.83 -54.66 8.71
CA ARG A 122 28.02 -54.19 9.82
C ARG A 122 26.55 -54.06 9.45
N SER A 123 26.26 -53.79 8.18
CA SER A 123 24.87 -53.58 7.74
C SER A 123 23.98 -54.78 8.07
N ALA A 124 24.56 -55.97 8.12
CA ALA A 124 23.81 -57.17 8.47
C ALA A 124 23.39 -57.17 9.97
N LEU A 125 23.87 -56.21 10.75
CA LEU A 125 23.48 -56.15 12.16
C LEU A 125 22.75 -54.85 12.48
N TYR A 126 21.46 -54.99 12.73
CA TYR A 126 20.62 -53.81 13.09
C TYR A 126 21.16 -53.11 14.33
N SER A 127 21.69 -53.87 15.28
CA SER A 127 22.24 -53.31 16.54
C SER A 127 23.39 -52.35 16.30
N MSE A 128 24.02 -52.41 15.12
CA MSE A 128 25.14 -51.53 14.79
C MSE A 128 24.81 -50.40 13.88
O MSE A 128 25.69 -49.60 13.55
CB MSE A 128 26.21 -52.32 14.07
CG MSE A 128 26.44 -53.56 14.88
SE MSE A 128 28.25 -54.22 14.58
CE MSE A 128 27.97 -55.07 12.83
N ALA A 129 23.57 -50.31 13.44
CA ALA A 129 23.16 -49.25 12.54
C ALA A 129 23.49 -47.86 13.13
N GLY A 130 23.09 -47.63 14.37
CA GLY A 130 23.30 -46.34 15.03
C GLY A 130 24.75 -45.94 15.21
N ILE A 131 25.61 -46.94 15.34
CA ILE A 131 27.03 -46.75 15.57
C ILE A 131 27.83 -46.04 14.49
N ASN A 132 28.02 -46.72 13.37
CA ASN A 132 28.85 -46.19 12.32
C ASN A 132 28.35 -44.88 11.66
N THR A 133 27.11 -44.88 11.16
CA THR A 133 26.59 -43.69 10.47
C THR A 133 25.63 -42.82 11.25
N THR A 134 25.70 -41.52 10.97
CA THR A 134 24.87 -40.47 11.54
C THR A 134 24.69 -39.46 10.40
N GLY A 135 23.44 -39.14 10.03
CA GLY A 135 23.18 -38.20 8.96
C GLY A 135 23.78 -36.81 9.13
N SER A 136 24.15 -36.17 8.01
CA SER A 136 24.65 -34.81 8.06
C SER A 136 23.48 -33.82 8.02
N SER A 137 23.70 -32.65 8.61
CA SER A 137 22.70 -31.60 8.67
C SER A 137 22.72 -30.71 7.45
N VAL A 138 21.64 -29.95 7.30
CA VAL A 138 21.49 -29.11 6.15
C VAL A 138 21.16 -27.72 6.61
N VAL A 139 21.97 -26.74 6.17
CA VAL A 139 21.72 -25.36 6.45
C VAL A 139 21.08 -24.74 5.18
N LEU A 140 19.90 -24.18 5.32
CA LEU A 140 19.22 -23.56 4.19
C LEU A 140 19.62 -22.10 4.00
N THR A 141 19.31 -21.57 2.80
CA THR A 141 19.50 -20.16 2.46
C THR A 141 18.36 -19.35 3.08
N ILE A 142 17.28 -20.02 3.46
CA ILE A 142 16.15 -19.37 4.10
C ILE A 142 16.58 -18.61 5.38
N ASN A 143 16.16 -17.34 5.49
CA ASN A 143 16.39 -16.55 6.69
C ASN A 143 15.09 -16.57 7.47
N SER A 144 15.13 -16.91 8.76
CA SER A 144 13.87 -17.03 9.53
C SER A 144 13.08 -15.76 9.67
N GLN A 145 13.74 -14.61 9.76
CA GLN A 145 13.01 -13.36 9.94
C GLN A 145 12.28 -12.98 8.60
N MSE A 146 12.92 -13.20 7.47
CA MSE A 146 12.30 -12.92 6.15
C MSE A 146 11.21 -13.92 5.93
O MSE A 146 10.16 -13.59 5.44
CB MSE A 146 13.36 -13.02 5.08
CG MSE A 146 14.47 -12.03 5.39
SE MSE A 146 15.43 -11.87 3.70
CE MSE A 146 16.90 -10.64 4.17
N GLN A 147 11.46 -15.17 6.30
CA GLN A 147 10.41 -16.20 6.19
C GLN A 147 9.18 -15.77 7.04
N ALA A 148 9.42 -15.29 8.26
CA ALA A 148 8.30 -14.84 9.08
C ALA A 148 7.55 -13.67 8.45
N VAL A 149 8.28 -12.74 7.89
CA VAL A 149 7.70 -11.58 7.17
C VAL A 149 6.76 -12.05 6.03
N ALA A 150 7.22 -13.04 5.30
CA ALA A 150 6.44 -13.58 4.17
C ALA A 150 5.23 -14.33 4.66
N GLU A 151 5.35 -15.08 5.74
CA GLU A 151 4.23 -15.81 6.27
C GLU A 151 3.18 -14.87 6.87
N ALA A 152 3.61 -13.80 7.55
CA ALA A 152 2.67 -12.82 8.12
C ALA A 152 1.85 -12.11 7.05
N ALA A 153 2.50 -11.84 5.92
CA ALA A 153 1.88 -11.14 4.81
C ALA A 153 0.83 -11.98 4.07
N LEU A 154 0.88 -13.31 4.20
CA LEU A 154 -0.11 -14.22 3.57
C LEU A 154 -1.24 -14.64 4.54
N GLN A 155 -1.12 -14.25 5.80
CA GLN A 155 -2.18 -14.58 6.75
C GLN A 155 -3.54 -14.09 6.28
N GLY A 156 -4.49 -15.00 6.24
CA GLY A 156 -5.83 -14.69 5.77
C GLY A 156 -6.02 -14.89 4.28
N TYR A 157 -4.96 -15.22 3.56
CA TYR A 157 -5.05 -15.39 2.10
C TYR A 157 -4.50 -16.69 1.60
N SER A 158 -4.93 -17.05 0.43
CA SER A 158 -4.33 -18.15 -0.29
C SER A 158 -3.37 -17.53 -1.31
N GLY A 159 -2.20 -18.16 -1.47
CA GLY A 159 -1.23 -17.75 -2.49
C GLY A 159 0.17 -18.10 -2.11
N SER A 160 1.14 -17.32 -2.58
CA SER A 160 2.52 -17.56 -2.16
C SER A 160 3.45 -16.38 -2.37
N ILE A 161 4.58 -16.47 -1.67
CA ILE A 161 5.63 -15.49 -1.76
C ILE A 161 7.01 -16.09 -1.83
N VAL A 162 7.90 -15.53 -2.69
CA VAL A 162 9.29 -15.96 -2.78
C VAL A 162 10.13 -14.69 -2.68
N VAL A 163 11.16 -14.72 -1.84
CA VAL A 163 12.10 -13.63 -1.74
C VAL A 163 13.42 -14.28 -2.13
N MSE A 164 14.21 -13.62 -2.96
CA MSE A 164 15.39 -14.20 -3.52
C MSE A 164 16.45 -13.19 -3.75
O MSE A 164 16.18 -12.01 -3.98
CB MSE A 164 14.95 -14.72 -4.89
CG MSE A 164 16.11 -15.46 -5.52
SE MSE A 164 15.50 -15.93 -7.35
CE MSE A 164 14.41 -17.44 -6.77
N ASP A 165 17.69 -13.64 -3.65
CA ASP A 165 18.85 -12.80 -3.86
C ASP A 165 19.10 -12.76 -5.34
N PRO A 166 19.10 -11.57 -5.93
CA PRO A 166 19.23 -11.57 -7.41
C PRO A 166 20.58 -11.97 -8.00
N SER A 167 21.66 -11.81 -7.25
CA SER A 167 22.94 -12.10 -7.79
C SER A 167 23.28 -13.59 -7.73
N THR A 168 22.60 -14.36 -6.92
CA THR A 168 22.90 -15.77 -6.76
C THR A 168 21.72 -16.72 -6.97
N GLY A 169 20.49 -16.26 -6.75
CA GLY A 169 19.34 -17.15 -6.91
C GLY A 169 19.07 -17.83 -5.58
N ALA A 170 19.79 -17.44 -4.54
CA ALA A 170 19.52 -17.99 -3.22
C ALA A 170 18.10 -17.61 -2.78
N VAL A 171 17.35 -18.59 -2.27
CA VAL A 171 15.99 -18.35 -1.79
C VAL A 171 16.03 -18.00 -0.29
N LEU A 172 15.69 -16.74 -0.03
CA LEU A 172 15.74 -16.21 1.33
C LEU A 172 14.44 -16.40 2.11
N ALA A 173 13.32 -16.54 1.38
CA ALA A 173 12.02 -16.82 2.00
C ALA A 173 11.17 -17.49 0.96
N LYS A 174 10.34 -18.44 1.40
CA LYS A 174 9.51 -19.23 0.46
C LYS A 174 8.32 -19.66 1.25
N ALA A 175 7.17 -19.05 0.94
CA ALA A 175 5.93 -19.30 1.67
C ALA A 175 4.71 -19.56 0.83
N SER A 176 3.98 -20.62 1.21
CA SER A 176 2.74 -20.98 0.51
C SER A 176 1.60 -20.96 1.51
N SER A 177 0.41 -20.54 1.08
CA SER A 177 -0.74 -20.43 2.00
C SER A 177 -1.97 -20.87 1.26
N PRO A 178 -2.87 -21.61 1.92
CA PRO A 178 -2.78 -22.02 3.29
C PRO A 178 -1.70 -23.07 3.53
N SER A 179 -1.19 -23.11 4.75
CA SER A 179 -0.16 -24.06 5.09
C SER A 179 -0.67 -25.02 6.17
N TYR A 180 0.24 -25.76 6.78
CA TYR A 180 -0.11 -26.77 7.77
C TYR A 180 1.05 -26.92 8.69
N THR A 181 0.85 -27.73 9.72
CA THR A 181 1.92 -28.06 10.65
C THR A 181 2.25 -29.55 10.48
N HIS A 182 3.43 -29.92 10.96
CA HIS A 182 3.83 -31.33 10.91
C HIS A 182 2.94 -32.17 11.82
N ALA A 183 2.54 -31.61 12.96
CA ALA A 183 1.61 -32.34 13.84
C ALA A 183 0.32 -32.68 13.05
N GLU A 184 -0.12 -31.74 12.21
CA GLU A 184 -1.34 -32.00 11.46
C GLU A 184 -1.25 -33.16 10.48
N LEU A 185 -0.04 -33.50 10.06
CA LEU A 185 0.14 -34.60 9.13
C LEU A 185 -0.22 -35.93 9.79
N GLY A 186 -0.20 -35.96 11.11
CA GLY A 186 -0.57 -37.16 11.87
C GLY A 186 -2.09 -37.23 12.05
N THR A 187 -2.85 -36.52 11.21
CA THR A 187 -4.32 -36.51 11.26
C THR A 187 -4.88 -36.44 9.84
N ILE A 188 -6.20 -36.41 9.71
CA ILE A 188 -6.85 -36.35 8.41
C ILE A 188 -6.99 -34.88 7.99
N ILE A 189 -6.53 -34.54 6.79
CA ILE A 189 -6.64 -33.16 6.31
C ILE A 189 -6.97 -33.14 4.82
N GLY A 194 -5.79 -27.93 -4.65
CA GLY A 194 -5.84 -26.62 -3.95
C GLY A 194 -5.73 -26.66 -2.42
N SER A 195 -5.37 -27.82 -1.88
CA SER A 195 -5.27 -27.99 -0.43
C SER A 195 -4.03 -27.33 0.15
N GLN A 196 -3.94 -27.34 1.48
N GLN A 196 -3.92 -27.35 1.48
CA GLN A 196 -2.83 -26.78 2.20
CA GLN A 196 -2.79 -26.80 2.22
C GLN A 196 -1.52 -27.44 1.80
C GLN A 196 -1.50 -27.44 1.78
N LEU A 197 -1.57 -28.69 1.35
CA LEU A 197 -0.37 -29.43 1.00
C LEU A 197 0.31 -29.00 -0.28
N VAL A 198 -0.42 -28.37 -1.19
CA VAL A 198 0.16 -27.88 -2.41
C VAL A 198 1.17 -26.76 -2.13
N ASP A 199 2.35 -26.86 -2.72
CA ASP A 199 3.36 -25.80 -2.59
C ASP A 199 3.13 -24.83 -3.70
N ARG A 200 2.44 -23.73 -3.39
CA ARG A 200 2.08 -22.70 -4.37
C ARG A 200 3.25 -21.83 -4.88
N THR A 201 4.45 -22.03 -4.36
CA THR A 201 5.60 -21.32 -4.85
C THR A 201 6.23 -22.06 -6.04
N THR A 202 6.13 -23.38 -6.08
CA THR A 202 6.85 -24.18 -7.05
C THR A 202 6.10 -25.30 -7.74
N GLN A 203 4.97 -25.72 -7.18
CA GLN A 203 4.23 -26.80 -7.74
C GLN A 203 2.78 -26.50 -8.14
N ALA A 204 2.46 -25.25 -8.38
CA ALA A 204 1.15 -24.85 -8.83
C ALA A 204 1.43 -23.93 -9.99
N LEU A 205 0.67 -24.08 -11.04
CA LEU A 205 0.84 -23.24 -12.22
C LEU A 205 -0.31 -22.25 -12.35
N TYR A 206 0.04 -21.05 -12.73
CA TYR A 206 -0.90 -19.96 -12.87
C TYR A 206 -0.74 -19.20 -14.16
N SER A 207 -1.85 -18.66 -14.70
CA SER A 207 -1.71 -17.68 -15.78
C SER A 207 -1.06 -16.47 -15.10
N PRO A 208 0.11 -15.97 -15.61
CA PRO A 208 0.80 -14.86 -14.96
C PRO A 208 0.15 -13.48 -15.18
N GLY A 209 -0.67 -13.40 -16.21
CA GLY A 209 -1.29 -12.18 -16.60
C GLY A 209 -0.24 -11.17 -16.96
N SER A 210 -0.53 -9.89 -16.71
CA SER A 210 0.43 -8.81 -17.07
C SER A 210 1.84 -8.86 -16.44
N SER A 211 2.08 -9.73 -15.44
CA SER A 211 3.42 -9.82 -14.88
C SER A 211 4.38 -10.34 -15.98
N PHE A 212 3.82 -11.14 -16.89
CA PHE A 212 4.60 -11.71 -17.99
C PHE A 212 5.00 -10.62 -19.00
N LYS A 213 4.39 -9.44 -18.98
CA LYS A 213 4.75 -8.39 -19.95
C LYS A 213 6.19 -8.01 -19.78
N THR A 214 6.74 -8.31 -18.61
CA THR A 214 8.13 -8.08 -18.41
C THR A 214 8.99 -8.80 -19.44
N VAL A 215 8.60 -10.04 -19.76
CA VAL A 215 9.30 -10.85 -20.71
C VAL A 215 9.04 -10.30 -22.11
N THR A 216 7.80 -9.93 -22.40
CA THR A 216 7.51 -9.36 -23.72
C THR A 216 8.35 -8.10 -23.99
N LEU A 217 8.40 -7.23 -22.96
CA LEU A 217 9.14 -5.98 -23.04
C LEU A 217 10.62 -6.29 -23.25
N ALA A 218 11.19 -7.13 -22.37
CA ALA A 218 12.61 -7.52 -22.48
C ALA A 218 12.94 -8.04 -23.90
N ALA A 219 12.10 -8.90 -24.41
CA ALA A 219 12.34 -9.44 -25.75
C ALA A 219 12.27 -8.35 -26.79
N GLY A 220 11.32 -7.43 -26.68
CA GLY A 220 11.15 -6.34 -27.67
C GLY A 220 12.35 -5.44 -27.72
N ILE A 221 12.86 -5.12 -26.54
CA ILE A 221 14.03 -4.29 -26.47
C ILE A 221 15.30 -5.02 -26.88
N ASP A 222 15.42 -6.27 -26.48
CA ASP A 222 16.65 -7.02 -26.74
C ASP A 222 16.83 -7.34 -28.23
N THR A 223 15.73 -7.52 -28.94
CA THR A 223 15.79 -7.78 -30.39
C THR A 223 15.90 -6.46 -31.18
N HIS A 224 15.89 -5.33 -30.49
CA HIS A 224 16.01 -4.03 -31.14
C HIS A 224 14.85 -3.72 -32.07
N LYS A 225 13.69 -4.16 -31.63
CA LYS A 225 12.45 -3.92 -32.34
C LYS A 225 11.64 -2.75 -31.77
N THR A 226 12.07 -2.20 -30.64
CA THR A 226 11.34 -1.13 -30.03
C THR A 226 12.19 -0.53 -28.93
N THR A 227 11.73 0.58 -28.38
CA THR A 227 12.41 1.24 -27.30
C THR A 227 11.33 1.71 -26.35
N LEU A 228 11.73 2.15 -25.17
CA LEU A 228 10.78 2.65 -24.17
C LEU A 228 10.05 3.90 -24.60
N ASP A 229 10.67 4.71 -25.47
CA ASP A 229 10.08 5.94 -25.94
C ASP A 229 9.34 5.81 -27.25
N THR A 230 9.35 4.59 -27.80
CA THR A 230 8.58 4.32 -29.02
C THR A 230 7.08 4.39 -28.68
N THR A 231 6.29 5.05 -29.51
CA THR A 231 4.87 5.21 -29.19
C THR A 231 4.03 4.11 -29.77
N TYR A 232 2.95 3.81 -29.07
CA TYR A 232 2.01 2.78 -29.45
C TYR A 232 0.60 3.29 -29.30
N SER A 233 -0.27 2.85 -30.21
CA SER A 233 -1.69 3.11 -30.06
C SER A 233 -2.17 2.17 -28.96
N ALA A 234 -2.88 2.67 -27.97
CA ALA A 234 -3.37 1.82 -26.88
C ALA A 234 -4.85 2.02 -26.67
N PRO A 235 -5.68 1.65 -27.67
CA PRO A 235 -7.11 1.81 -27.55
C PRO A 235 -7.75 0.80 -26.61
N GLY A 236 -9.04 1.01 -26.35
CA GLY A 236 -9.78 0.15 -25.44
C GLY A 236 -9.96 -1.24 -25.99
N THR A 237 -10.07 -1.31 -27.29
CA THR A 237 -10.27 -2.56 -27.95
C THR A 237 -9.57 -2.49 -29.29
N MSE A 238 -9.13 -3.64 -29.78
CA MSE A 238 -8.44 -3.71 -31.05
C MSE A 238 -8.51 -5.09 -31.60
O MSE A 238 -8.37 -6.05 -30.86
CB MSE A 238 -6.97 -3.43 -30.74
CG MSE A 238 -6.29 -3.07 -32.03
SE MSE A 238 -4.40 -2.83 -31.61
CE MSE A 238 -3.69 -3.11 -33.44
N GLU A 239 -8.71 -5.21 -32.91
CA GLU A 239 -8.77 -6.52 -33.58
C GLU A 239 -7.37 -6.97 -33.90
N ILE A 240 -7.04 -8.17 -33.46
CA ILE A 240 -5.74 -8.75 -33.71
C ILE A 240 -5.94 -10.23 -34.00
N GLY A 241 -5.52 -10.63 -35.20
CA GLY A 241 -5.62 -12.02 -35.61
C GLY A 241 -7.02 -12.54 -35.64
N GLY A 242 -7.94 -11.68 -35.98
CA GLY A 242 -9.34 -12.09 -36.06
C GLY A 242 -10.07 -12.18 -34.76
N GLY A 243 -9.43 -11.78 -33.64
CA GLY A 243 -10.07 -11.76 -32.36
C GLY A 243 -9.91 -10.37 -31.71
N THR A 244 -10.62 -10.10 -30.64
CA THR A 244 -10.52 -8.78 -30.06
C THR A 244 -9.60 -8.77 -28.85
N ILE A 245 -8.72 -7.79 -28.78
CA ILE A 245 -7.90 -7.63 -27.55
C ILE A 245 -8.46 -6.38 -26.88
N HIS A 246 -8.51 -6.40 -25.54
CA HIS A 246 -9.01 -5.24 -24.83
C HIS A 246 -8.16 -4.82 -23.64
N ASN A 247 -8.07 -3.51 -23.44
CA ASN A 247 -7.46 -2.98 -22.22
C ASN A 247 -8.45 -3.23 -21.09
N TYR A 248 -7.96 -3.26 -19.87
CA TYR A 248 -8.83 -3.40 -18.74
C TYR A 248 -9.84 -2.24 -18.74
N ALA A 249 -11.10 -2.55 -18.47
CA ALA A 249 -12.19 -1.57 -18.49
C ALA A 249 -12.36 -0.85 -19.84
N ASN A 250 -11.94 -1.51 -20.89
CA ASN A 250 -11.97 -0.94 -22.20
C ASN A 250 -11.42 0.48 -22.24
N GLU A 251 -10.41 0.76 -21.42
CA GLU A 251 -9.85 2.10 -21.41
C GLU A 251 -9.05 2.49 -22.66
N ASP A 252 -9.43 3.60 -23.30
CA ASP A 252 -8.73 4.11 -24.49
C ASP A 252 -7.61 5.04 -24.00
N MSE A 253 -6.37 4.66 -24.18
CA MSE A 253 -5.28 5.48 -23.62
C MSE A 253 -4.66 6.41 -24.62
O MSE A 253 -3.80 7.24 -24.25
CB MSE A 253 -4.25 4.57 -23.03
CG MSE A 253 -4.89 3.71 -21.94
SE MSE A 253 -3.37 2.70 -21.22
CE MSE A 253 -4.23 1.34 -20.06
N GLY A 254 -5.11 6.34 -25.87
CA GLY A 254 -4.58 7.17 -26.94
C GLY A 254 -3.24 6.61 -27.35
N THR A 255 -2.40 7.45 -27.95
CA THR A 255 -1.08 7.07 -28.37
C THR A 255 -0.14 7.41 -27.24
N ILE A 256 0.60 6.41 -26.77
CA ILE A 256 1.52 6.61 -25.64
C ILE A 256 2.83 5.87 -25.80
N PRO A 257 3.87 6.36 -25.14
CA PRO A 257 5.12 5.67 -25.23
C PRO A 257 5.03 4.34 -24.54
N LEU A 258 5.91 3.43 -24.98
CA LEU A 258 5.94 2.07 -24.46
C LEU A 258 6.18 2.08 -22.96
N ARG A 259 6.97 3.00 -22.44
CA ARG A 259 7.21 2.97 -21.00
C ARG A 259 5.92 3.21 -20.19
N GLU A 260 5.01 4.00 -20.79
CA GLU A 260 3.73 4.34 -20.18
C GLU A 260 2.73 3.25 -20.41
N ALA A 261 2.78 2.59 -21.58
CA ALA A 261 1.89 1.47 -21.85
C ALA A 261 2.22 0.34 -20.85
N PHE A 262 3.50 0.20 -20.52
CA PHE A 262 3.95 -0.81 -19.59
C PHE A 262 3.54 -0.41 -18.16
N ALA A 263 3.76 0.83 -17.79
CA ALA A 263 3.39 1.32 -16.42
C ALA A 263 1.91 1.21 -16.18
N ARG A 264 1.11 1.50 -17.21
CA ARG A 264 -0.35 1.44 -17.06
C ARG A 264 -0.91 0.05 -17.42
N SER A 265 -0.04 -0.85 -17.85
CA SER A 265 -0.36 -2.18 -18.25
C SER A 265 -1.45 -2.29 -19.37
N SER A 266 -1.22 -1.61 -20.46
CA SER A 266 -2.12 -1.76 -21.62
C SER A 266 -1.94 -3.07 -22.35
N ASN A 267 -2.96 -3.90 -22.34
CA ASN A 267 -2.94 -5.10 -23.12
C ASN A 267 -2.87 -4.82 -24.62
N THR A 268 -3.60 -3.82 -25.11
CA THR A 268 -3.59 -3.57 -26.56
C THR A 268 -2.25 -3.15 -27.06
N ALA A 269 -1.52 -2.37 -26.28
CA ALA A 269 -0.19 -1.97 -26.69
C ALA A 269 0.79 -3.12 -26.61
N LEU A 270 0.82 -3.84 -25.48
CA LEU A 270 1.79 -4.93 -25.35
C LEU A 270 1.47 -6.06 -26.32
N ALA A 271 0.20 -6.29 -26.62
CA ALA A 271 -0.15 -7.31 -27.62
C ALA A 271 0.47 -6.95 -28.94
N GLN A 272 0.48 -5.68 -29.29
CA GLN A 272 1.11 -5.27 -30.56
C GLN A 272 2.59 -5.57 -30.60
N LEU A 273 3.28 -5.37 -29.48
CA LEU A 273 4.68 -5.70 -29.40
C LEU A 273 4.90 -7.19 -29.59
N GLY A 274 4.09 -8.03 -28.92
CA GLY A 274 4.18 -9.48 -29.03
C GLY A 274 3.98 -9.96 -30.46
N VAL A 275 3.03 -9.37 -31.16
CA VAL A 275 2.84 -9.72 -32.56
C VAL A 275 4.05 -9.30 -33.40
N ALA A 276 4.67 -8.17 -33.05
CA ALA A 276 5.83 -7.70 -33.80
C ALA A 276 7.01 -8.65 -33.58
N LEU A 277 7.07 -9.20 -32.37
CA LEU A 277 8.15 -10.13 -32.04
C LEU A 277 7.98 -11.45 -32.72
N GLY A 278 6.74 -11.95 -32.73
CA GLY A 278 6.43 -13.27 -33.34
C GLY A 278 6.56 -14.34 -32.25
N ALA A 279 5.95 -15.50 -32.48
CA ALA A 279 5.97 -16.60 -31.57
C ALA A 279 7.34 -17.16 -31.27
N ASP A 280 8.20 -17.34 -32.28
CA ASP A 280 9.53 -17.88 -32.04
C ASP A 280 10.28 -17.04 -31.01
N ASN A 281 10.28 -15.72 -31.22
CA ASN A 281 10.97 -14.82 -30.30
C ASN A 281 10.37 -14.83 -28.93
N LEU A 282 9.06 -14.71 -28.85
CA LEU A 282 8.39 -14.72 -27.56
C LEU A 282 8.73 -15.99 -26.76
N VAL A 283 8.62 -17.13 -27.42
CA VAL A 283 8.90 -18.39 -26.73
C VAL A 283 10.36 -18.56 -26.35
N SER A 284 11.22 -18.15 -27.28
CA SER A 284 12.61 -18.26 -27.08
C SER A 284 13.07 -17.44 -25.85
N TYR A 285 12.62 -16.20 -25.77
CA TYR A 285 12.97 -15.36 -24.62
C TYR A 285 12.42 -15.93 -23.32
N ALA A 286 11.16 -16.38 -23.33
CA ALA A 286 10.58 -17.02 -22.16
C ALA A 286 11.44 -18.19 -21.71
N ARG A 287 11.86 -19.02 -22.66
N ARG A 287 11.85 -19.01 -22.67
CA ARG A 287 12.71 -20.15 -22.29
CA ARG A 287 12.69 -20.16 -22.33
C ARG A 287 14.06 -19.70 -21.80
C ARG A 287 14.06 -19.73 -21.86
N ALA A 288 14.60 -18.62 -22.37
CA ALA A 288 15.88 -18.15 -21.93
C ALA A 288 15.80 -17.70 -20.44
N PHE A 289 14.62 -17.22 -20.01
CA PHE A 289 14.41 -16.85 -18.59
C PHE A 289 14.10 -18.03 -17.69
N GLY A 290 13.94 -19.22 -18.24
CA GLY A 290 13.68 -20.43 -17.44
C GLY A 290 12.50 -21.30 -17.85
N TYR A 291 11.63 -20.78 -18.69
CA TYR A 291 10.50 -21.58 -19.06
C TYR A 291 10.96 -22.91 -19.61
N GLY A 292 10.26 -23.97 -19.29
CA GLY A 292 10.62 -25.32 -19.77
C GLY A 292 11.66 -25.99 -18.87
N THR A 293 12.26 -25.29 -17.92
CA THR A 293 13.22 -25.86 -16.96
C THR A 293 12.62 -26.12 -15.59
N ALA A 294 13.01 -27.23 -14.97
CA ALA A 294 12.56 -27.54 -13.63
C ALA A 294 13.52 -26.83 -12.70
N LEU A 295 13.25 -25.55 -12.50
CA LEU A 295 14.10 -24.67 -11.69
C LEU A 295 14.43 -25.26 -10.34
N GLY A 296 15.63 -24.98 -9.86
CA GLY A 296 16.02 -25.35 -8.51
C GLY A 296 17.19 -26.34 -8.53
N GLN A 297 18.28 -25.93 -7.92
CA GLN A 297 19.40 -26.81 -7.87
C GLN A 297 19.16 -27.95 -6.94
N ASP A 298 18.36 -27.72 -5.90
CA ASP A 298 18.18 -28.66 -4.80
C ASP A 298 16.74 -28.70 -4.23
N PHE A 299 15.77 -28.35 -5.09
CA PHE A 299 14.36 -28.45 -4.77
C PHE A 299 13.65 -28.64 -6.09
N SER A 300 12.43 -29.16 -6.05
CA SER A 300 11.63 -29.45 -7.25
C SER A 300 10.67 -28.38 -7.60
N THR A 301 10.74 -27.90 -8.84
CA THR A 301 9.80 -26.93 -9.33
C THR A 301 9.23 -27.49 -10.61
N THR A 302 7.95 -27.33 -10.88
CA THR A 302 7.34 -27.85 -12.08
C THR A 302 7.66 -26.80 -13.11
N PRO A 303 8.10 -27.22 -14.30
CA PRO A 303 8.42 -26.22 -15.31
C PRO A 303 7.32 -25.28 -15.75
N SER A 304 7.68 -24.00 -15.98
CA SER A 304 6.72 -23.04 -16.52
C SER A 304 6.59 -23.38 -18.00
N LEU A 305 5.42 -23.17 -18.58
CA LEU A 305 5.21 -23.61 -19.97
C LEU A 305 4.81 -22.57 -20.97
N MSE A 306 5.29 -22.75 -22.23
CA MSE A 306 4.90 -21.95 -23.35
C MSE A 306 4.56 -22.98 -24.40
O MSE A 306 5.00 -24.13 -24.33
CB MSE A 306 6.04 -21.16 -23.96
CG MSE A 306 6.61 -20.08 -23.08
SE MSE A 306 5.15 -18.83 -22.91
CE MSE A 306 5.16 -17.86 -24.65
N PRO A 307 3.79 -22.60 -25.39
CA PRO A 307 3.49 -23.52 -26.47
C PRO A 307 4.66 -23.75 -27.40
N ASN A 308 4.43 -24.64 -28.38
CA ASN A 308 5.33 -24.86 -29.48
C ASN A 308 5.00 -23.67 -30.32
N PRO A 309 5.99 -22.84 -30.63
CA PRO A 309 5.69 -21.60 -31.36
C PRO A 309 5.02 -21.82 -32.69
N ALA A 310 5.32 -22.94 -33.32
CA ALA A 310 4.77 -23.23 -34.63
C ALA A 310 3.30 -23.51 -34.57
N GLU A 311 2.78 -23.80 -33.37
CA GLU A 311 1.37 -24.10 -33.23
C GLU A 311 0.55 -22.89 -32.86
N MSE A 312 1.20 -21.79 -32.56
CA MSE A 312 0.49 -20.60 -32.14
C MSE A 312 -0.18 -19.85 -33.26
O MSE A 312 0.29 -19.83 -34.38
CB MSE A 312 1.45 -19.66 -31.39
CG MSE A 312 1.90 -20.40 -30.16
SE MSE A 312 3.04 -19.23 -29.10
CE MSE A 312 1.80 -17.87 -28.43
N THR A 313 -1.32 -19.24 -32.94
CA THR A 313 -2.01 -18.36 -33.86
C THR A 313 -1.68 -16.91 -33.43
N THR A 314 -2.03 -15.97 -34.31
CA THR A 314 -1.73 -14.54 -34.01
C THR A 314 -2.52 -14.02 -32.83
N TRP A 315 -3.77 -14.43 -32.78
CA TRP A 315 -4.59 -14.04 -31.65
C TRP A 315 -4.06 -14.65 -30.33
N GLU A 316 -3.64 -15.90 -30.40
CA GLU A 316 -3.09 -16.59 -29.25
C GLU A 316 -1.85 -15.83 -28.80
N LEU A 317 -1.00 -15.53 -29.76
CA LEU A 317 0.25 -14.78 -29.53
C LEU A 317 0.03 -13.42 -28.85
N ALA A 318 -0.98 -12.73 -29.34
CA ALA A 318 -1.36 -11.43 -28.79
C ALA A 318 -1.67 -11.56 -27.31
N TRP A 319 -2.50 -12.54 -26.95
CA TRP A 319 -2.84 -12.74 -25.51
C TRP A 319 -1.69 -13.25 -24.66
N ALA A 320 -0.88 -14.14 -25.26
CA ALA A 320 0.24 -14.73 -24.58
C ALA A 320 1.19 -13.64 -24.20
N SER A 321 1.33 -12.63 -25.08
N SER A 321 1.32 -12.64 -25.09
CA SER A 321 2.23 -11.53 -24.82
CA SER A 321 2.20 -11.51 -24.86
C SER A 321 1.77 -10.70 -23.62
C SER A 321 1.76 -10.72 -23.62
N CYS A 322 0.48 -10.84 -23.25
CA CYS A 322 -0.06 -10.14 -22.03
C CYS A 322 -0.19 -11.11 -20.85
N GLY A 323 0.39 -12.30 -21.01
CA GLY A 323 0.40 -13.29 -19.95
C GLY A 323 -0.84 -14.14 -19.79
N LEU A 324 -1.63 -14.26 -20.85
CA LEU A 324 -2.85 -15.10 -20.82
C LEU A 324 -2.80 -16.26 -21.81
N PRO A 325 -2.79 -17.51 -21.29
CA PRO A 325 -2.72 -18.63 -22.17
C PRO A 325 -4.08 -18.97 -22.73
N VAL A 326 -4.25 -18.80 -24.04
CA VAL A 326 -5.54 -19.12 -24.66
C VAL A 326 -5.46 -20.09 -25.80
N GLY A 327 -4.30 -20.70 -26.02
CA GLY A 327 -4.07 -21.58 -27.17
C GLY A 327 -4.80 -22.91 -27.14
N GLU A 328 -5.10 -23.44 -28.32
CA GLU A 328 -5.77 -24.74 -28.46
C GLU A 328 -4.98 -25.52 -29.47
N HIS A 329 -4.14 -26.45 -29.01
CA HIS A 329 -3.29 -27.21 -29.90
C HIS A 329 -2.64 -28.29 -29.10
N ALA A 330 -1.85 -29.16 -29.73
CA ALA A 330 -1.25 -30.27 -29.02
C ALA A 330 -0.38 -29.85 -27.85
N SER A 331 0.45 -28.84 -28.08
CA SER A 331 1.38 -28.39 -27.02
C SER A 331 0.60 -27.63 -25.97
N PRO A 332 1.17 -27.49 -24.79
CA PRO A 332 0.43 -26.73 -23.81
C PRO A 332 0.15 -25.28 -24.18
N ALA A 333 -0.97 -24.73 -23.68
CA ALA A 333 -1.23 -23.28 -23.87
C ALA A 333 -0.26 -22.59 -22.90
N GLY A 334 0.14 -21.35 -23.19
CA GLY A 334 1.01 -20.67 -22.21
C GLY A 334 0.93 -19.18 -22.44
N PRO A 335 1.57 -18.41 -21.57
CA PRO A 335 2.40 -18.88 -20.46
C PRO A 335 1.63 -19.41 -19.27
N GLN A 336 2.15 -20.47 -18.66
CA GLN A 336 1.64 -20.95 -17.40
C GLN A 336 2.91 -20.83 -16.55
N THR A 337 2.83 -20.20 -15.37
CA THR A 337 4.02 -19.98 -14.60
C THR A 337 3.92 -20.41 -13.20
N THR A 338 5.08 -20.64 -12.60
CA THR A 338 5.14 -20.79 -11.15
C THR A 338 5.59 -19.41 -10.58
N VAL A 339 5.37 -19.23 -9.27
CA VAL A 339 5.79 -18.00 -8.64
C VAL A 339 7.30 -17.97 -8.62
N MSE A 340 7.91 -19.13 -8.47
CA MSE A 340 9.38 -19.22 -8.44
C MSE A 340 9.95 -18.75 -9.77
O MSE A 340 10.91 -17.98 -9.85
CB MSE A 340 9.73 -20.65 -8.11
CG MSE A 340 11.19 -20.92 -8.22
SE MSE A 340 12.01 -20.01 -6.68
CE MSE A 340 11.21 -20.99 -5.16
N GLN A 341 9.31 -19.15 -10.86
CA GLN A 341 9.73 -18.67 -12.18
C GLN A 341 9.62 -17.16 -12.29
N ASN A 342 8.55 -16.59 -11.73
CA ASN A 342 8.38 -15.13 -11.77
C ASN A 342 9.50 -14.45 -11.02
N ALA A 343 9.91 -15.08 -9.92
CA ALA A 343 11.02 -14.53 -9.15
C ALA A 343 12.31 -14.60 -9.95
N VAL A 344 12.51 -15.71 -10.70
CA VAL A 344 13.73 -15.87 -11.49
C VAL A 344 13.83 -14.79 -12.58
N ILE A 345 12.70 -14.42 -13.16
CA ILE A 345 12.63 -13.36 -14.16
C ILE A 345 12.98 -12.00 -13.53
N ALA A 346 12.37 -11.70 -12.41
CA ALA A 346 12.69 -10.45 -11.75
C ALA A 346 14.18 -10.41 -11.42
N ALA A 347 14.69 -11.53 -10.95
CA ALA A 347 16.14 -11.59 -10.57
C ALA A 347 17.04 -11.36 -11.77
N ALA A 348 16.68 -11.97 -12.87
CA ALA A 348 17.47 -11.81 -14.08
C ALA A 348 17.56 -10.35 -14.49
N ILE A 349 16.40 -9.70 -14.51
CA ILE A 349 16.31 -8.29 -14.81
C ILE A 349 17.14 -7.43 -13.82
N ALA A 350 17.00 -7.73 -12.55
CA ALA A 350 17.76 -7.01 -11.50
C ALA A 350 19.25 -7.29 -11.61
N ASN A 351 19.61 -8.47 -12.15
CA ASN A 351 21.02 -8.99 -12.25
C ASN A 351 21.65 -8.84 -13.66
N GLY A 352 21.37 -7.71 -14.27
CA GLY A 352 21.90 -7.40 -15.59
C GLY A 352 21.67 -8.44 -16.67
N GLY A 353 20.59 -9.20 -16.54
CA GLY A 353 20.18 -10.15 -17.55
C GLY A 353 20.63 -11.56 -17.35
N VAL A 354 21.40 -11.80 -16.30
CA VAL A 354 21.94 -13.10 -16.02
C VAL A 354 20.99 -13.88 -15.14
N VAL A 355 20.48 -14.97 -15.70
CA VAL A 355 19.55 -15.84 -15.04
C VAL A 355 20.31 -16.79 -14.12
N MSE A 356 19.78 -17.02 -12.94
CA MSE A 356 20.45 -17.90 -11.98
C MSE A 356 19.52 -19.02 -11.66
O MSE A 356 18.32 -18.82 -11.59
CB MSE A 356 20.81 -17.17 -10.70
CG MSE A 356 21.72 -15.97 -10.96
SE MSE A 356 23.42 -16.60 -11.70
CE MSE A 356 24.30 -17.45 -10.14
N ASN A 357 20.06 -20.22 -11.46
CA ASN A 357 19.21 -21.37 -11.10
C ASN A 357 19.07 -21.29 -9.59
N PRO A 358 17.82 -21.12 -9.10
CA PRO A 358 17.70 -20.88 -7.68
C PRO A 358 18.05 -22.06 -6.84
N TYR A 359 18.41 -21.79 -5.57
CA TYR A 359 18.76 -22.88 -4.67
C TYR A 359 18.33 -22.53 -3.25
N ILE A 360 18.14 -23.57 -2.44
CA ILE A 360 17.70 -23.34 -1.07
C ILE A 360 18.59 -23.96 0.01
N VAL A 361 19.62 -24.69 -0.39
CA VAL A 361 20.64 -25.26 0.58
C VAL A 361 21.92 -24.48 0.44
N ASP A 362 22.35 -23.85 1.52
CA ASP A 362 23.57 -23.07 1.48
C ASP A 362 24.75 -24.04 1.62
N ARG A 363 24.69 -24.92 2.63
CA ARG A 363 25.75 -25.88 2.92
C ARG A 363 25.27 -27.09 3.74
N VAL A 364 26.12 -28.12 3.76
CA VAL A 364 25.90 -29.37 4.47
C VAL A 364 26.96 -29.49 5.55
N LEU A 365 26.54 -29.92 6.74
CA LEU A 365 27.42 -30.04 7.89
C LEU A 365 27.48 -31.46 8.39
N SER A 366 28.68 -31.90 8.78
CA SER A 366 28.88 -33.24 9.30
C SER A 366 28.26 -33.23 10.69
N PRO A 367 27.98 -34.41 11.24
CA PRO A 367 27.40 -34.42 12.58
C PRO A 367 28.25 -33.68 13.62
N GLU A 368 29.54 -33.56 13.36
CA GLU A 368 30.45 -32.84 14.27
C GLU A 368 30.42 -31.33 14.08
N GLY A 369 29.77 -30.86 13.01
CA GLY A 369 29.68 -29.43 12.79
C GLY A 369 30.62 -28.88 11.75
N ALA A 370 31.28 -29.76 11.02
CA ALA A 370 32.20 -29.34 9.97
C ALA A 370 31.47 -29.16 8.65
N VAL A 371 31.94 -28.23 7.85
CA VAL A 371 31.34 -27.96 6.55
C VAL A 371 31.77 -29.00 5.56
N VAL A 372 30.83 -29.83 5.12
CA VAL A 372 31.06 -30.90 4.15
C VAL A 372 30.99 -30.42 2.70
N SER A 373 30.09 -29.50 2.40
CA SER A 373 30.00 -28.99 1.04
C SER A 373 29.22 -27.68 1.10
N THR A 374 29.47 -26.85 0.10
CA THR A 374 28.83 -25.56 -0.01
C THR A 374 28.21 -25.55 -1.42
N THR A 375 26.98 -25.05 -1.54
CA THR A 375 26.34 -24.94 -2.86
C THR A 375 26.99 -23.79 -3.64
N SER A 376 27.19 -23.97 -4.94
CA SER A 376 27.75 -22.87 -5.70
C SER A 376 26.63 -22.30 -6.55
N PRO A 377 26.52 -20.97 -6.62
CA PRO A 377 25.51 -20.34 -7.50
C PRO A 377 25.80 -20.76 -8.91
N LYS A 378 24.79 -20.94 -9.76
CA LYS A 378 24.99 -21.39 -11.15
C LYS A 378 24.05 -20.67 -12.11
N SER A 379 24.58 -20.17 -13.21
CA SER A 379 23.79 -19.43 -14.18
C SER A 379 23.10 -20.33 -15.19
N LEU A 380 21.94 -19.94 -15.64
CA LEU A 380 21.19 -20.65 -16.66
C LEU A 380 21.39 -19.93 -17.98
N GLY A 381 22.26 -18.93 -17.98
CA GLY A 381 22.57 -18.19 -19.18
C GLY A 381 22.20 -16.73 -19.03
N GLN A 382 22.46 -15.99 -20.10
CA GLN A 382 22.14 -14.59 -20.17
C GLN A 382 20.93 -14.45 -21.12
N ALA A 383 19.78 -14.12 -20.55
CA ALA A 383 18.54 -14.06 -21.31
C ALA A 383 18.45 -12.80 -22.17
N VAL A 384 18.95 -11.68 -21.63
CA VAL A 384 18.97 -10.39 -22.35
C VAL A 384 20.27 -9.68 -21.99
N SER A 385 20.66 -8.71 -22.79
CA SER A 385 21.88 -7.98 -22.52
C SER A 385 21.73 -7.08 -21.28
N ALA A 386 22.86 -6.64 -20.76
CA ALA A 386 22.85 -5.71 -19.62
C ALA A 386 22.12 -4.41 -19.99
N ASP A 387 22.35 -3.90 -21.20
CA ASP A 387 21.63 -2.72 -21.64
C ASP A 387 20.12 -2.98 -21.60
N THR A 388 19.69 -4.13 -22.10
CA THR A 388 18.24 -4.43 -22.11
C THR A 388 17.71 -4.50 -20.68
N ALA A 389 18.43 -5.21 -19.81
CA ALA A 389 18.00 -5.33 -18.45
C ALA A 389 17.84 -3.95 -17.82
N ALA A 390 18.74 -3.01 -18.11
CA ALA A 390 18.69 -1.64 -17.50
C ALA A 390 17.43 -0.93 -17.97
N GLN A 391 17.06 -1.12 -19.22
CA GLN A 391 15.83 -0.52 -19.71
C GLN A 391 14.62 -1.14 -19.05
N VAL A 392 14.65 -2.46 -18.84
CA VAL A 392 13.49 -3.13 -18.24
C VAL A 392 13.34 -2.71 -16.79
N ARG A 393 14.45 -2.57 -16.10
CA ARG A 393 14.39 -2.09 -14.73
C ARG A 393 13.77 -0.69 -14.66
N GLU A 394 14.18 0.19 -15.55
CA GLU A 394 13.65 1.57 -15.58
C GLU A 394 12.15 1.59 -15.79
N ALA A 395 11.68 0.67 -16.65
CA ALA A 395 10.26 0.59 -16.96
C ALA A 395 9.52 0.08 -15.75
N MSE A 396 10.11 -0.84 -15.01
CA MSE A 396 9.48 -1.37 -13.82
C MSE A 396 9.45 -0.34 -12.72
O MSE A 396 8.60 -0.37 -11.81
CB MSE A 396 10.25 -2.63 -13.41
CG MSE A 396 9.86 -3.73 -14.41
SE MSE A 396 10.99 -5.28 -14.05
CE MSE A 396 10.13 -6.20 -12.55
N LEU A 397 10.38 0.59 -12.77
CA LEU A 397 10.39 1.67 -11.71
C LEU A 397 9.15 2.49 -11.93
N GLY A 398 8.85 2.76 -13.18
CA GLY A 398 7.69 3.52 -13.62
C GLY A 398 6.38 2.90 -13.18
N VAL A 399 6.30 1.56 -13.26
CA VAL A 399 5.10 0.87 -12.80
C VAL A 399 4.76 1.27 -11.36
N VAL A 400 5.79 1.31 -10.53
CA VAL A 400 5.56 1.58 -9.12
C VAL A 400 5.43 3.07 -8.79
N GLU A 401 6.25 3.91 -9.43
N GLU A 401 6.26 3.89 -9.38
CA GLU A 401 6.25 5.36 -9.17
CA GLU A 401 6.21 5.31 -9.08
C GLU A 401 5.09 6.14 -9.80
C GLU A 401 4.90 5.95 -9.60
N SER A 402 4.46 5.58 -10.80
CA SER A 402 3.34 6.28 -11.42
C SER A 402 2.29 5.41 -12.11
N GLY A 403 2.47 4.11 -12.09
CA GLY A 403 1.53 3.22 -12.78
C GLY A 403 0.63 2.39 -11.88
N THR A 404 0.43 1.15 -12.27
CA THR A 404 -0.44 0.25 -11.56
C THR A 404 0.16 -0.29 -10.24
N GLY A 405 1.42 -0.02 -9.94
CA GLY A 405 2.04 -0.58 -8.75
C GLY A 405 2.31 0.40 -7.64
N MSE A 406 1.54 1.48 -7.56
CA MSE A 406 1.81 2.49 -6.47
C MSE A 406 1.59 1.92 -5.13
O MSE A 406 2.09 2.40 -4.13
CB MSE A 406 1.08 3.79 -6.73
CG MSE A 406 1.72 4.46 -7.95
SE MSE A 406 0.74 6.16 -8.17
CE MSE A 406 -1.07 5.47 -8.66
N GLY A 407 0.81 0.85 -5.07
CA GLY A 407 0.59 0.18 -3.78
C GLY A 407 1.83 -0.47 -3.20
N ALA A 408 2.86 -0.59 -4.02
CA ALA A 408 4.11 -1.19 -3.61
C ALA A 408 5.08 -0.15 -3.10
N ARG A 409 4.69 1.11 -3.14
CA ARG A 409 5.65 2.13 -2.76
C ARG A 409 5.89 2.11 -1.26
N VAL A 410 7.13 2.32 -0.88
CA VAL A 410 7.47 2.37 0.54
C VAL A 410 8.29 3.67 0.71
N PRO A 411 7.86 4.52 1.62
CA PRO A 411 8.60 5.78 1.77
C PRO A 411 10.07 5.54 2.02
N GLY A 412 10.92 6.29 1.35
CA GLY A 412 12.36 6.23 1.57
C GLY A 412 13.15 5.14 0.87
N VAL A 413 12.50 4.36 0.00
CA VAL A 413 13.19 3.32 -0.73
C VAL A 413 12.59 3.26 -2.14
N LYS A 414 13.44 3.14 -3.15
CA LYS A 414 12.95 3.02 -4.52
C LYS A 414 12.68 1.55 -4.87
N ILE A 415 11.41 1.24 -5.09
CA ILE A 415 11.01 -0.11 -5.40
C ILE A 415 10.49 -0.09 -6.84
N ALA A 416 10.78 -1.17 -7.57
CA ALA A 416 10.39 -1.35 -8.98
C ALA A 416 9.74 -2.71 -9.13
N GLY A 417 8.84 -2.82 -10.12
CA GLY A 417 8.18 -4.08 -10.32
C GLY A 417 7.21 -4.10 -11.45
N LYS A 418 6.45 -5.18 -11.52
CA LYS A 418 5.39 -5.34 -12.47
C LYS A 418 4.27 -6.12 -11.83
N THR A 419 3.07 -5.60 -12.02
CA THR A 419 1.83 -6.20 -11.55
C THR A 419 1.12 -7.01 -12.61
N GLY A 420 0.20 -7.84 -12.16
CA GLY A 420 -0.67 -8.54 -13.07
C GLY A 420 -1.92 -8.95 -12.35
N THR A 421 -2.98 -9.19 -13.10
CA THR A 421 -4.22 -9.70 -12.51
C THR A 421 -4.75 -10.63 -13.56
N ALA A 422 -5.16 -11.82 -13.14
CA ALA A 422 -5.64 -12.77 -14.09
C ALA A 422 -6.90 -13.49 -13.65
N ASP A 423 -7.89 -13.49 -14.52
CA ASP A 423 -9.13 -14.18 -14.28
C ASP A 423 -8.92 -15.70 -14.26
N VAL A 424 -9.63 -16.37 -13.36
CA VAL A 424 -9.62 -17.83 -13.27
C VAL A 424 -11.09 -18.29 -13.18
N GLU A 425 -11.38 -19.47 -12.65
CA GLU A 425 -12.76 -19.97 -12.68
C GLU A 425 -13.84 -19.20 -11.89
N ASN A 426 -15.06 -19.33 -12.38
CA ASN A 426 -16.27 -18.74 -11.80
C ASN A 426 -16.13 -17.38 -11.11
N GLY A 427 -15.60 -16.38 -11.83
CA GLY A 427 -15.46 -15.02 -11.30
C GLY A 427 -14.32 -14.82 -10.34
N ASN A 428 -13.45 -15.81 -10.21
CA ASN A 428 -12.31 -15.64 -9.32
C ASN A 428 -11.16 -15.08 -10.11
N PHE A 429 -10.30 -14.34 -9.43
CA PHE A 429 -9.11 -13.82 -10.09
C PHE A 429 -7.96 -13.77 -9.12
N ASN A 430 -6.73 -13.74 -9.66
CA ASN A 430 -5.51 -13.68 -8.90
C ASN A 430 -4.73 -12.43 -9.18
N SER A 431 -4.00 -11.97 -8.16
CA SER A 431 -3.20 -10.76 -8.25
C SER A 431 -1.74 -11.18 -8.11
N PHE A 432 -0.88 -10.60 -8.94
CA PHE A 432 0.54 -10.91 -9.04
C PHE A 432 1.38 -9.68 -8.93
N PHE A 433 2.56 -9.89 -8.41
CA PHE A 433 3.58 -8.88 -8.37
C PHE A 433 4.97 -9.51 -8.37
N ILE A 434 5.84 -8.96 -9.22
CA ILE A 434 7.26 -9.28 -9.17
C ILE A 434 7.95 -7.91 -9.02
N GLY A 435 9.02 -7.85 -8.22
CA GLY A 435 9.70 -6.61 -8.06
C GLY A 435 11.04 -6.78 -7.41
N PHE A 436 11.76 -5.68 -7.25
CA PHE A 436 13.10 -5.74 -6.68
C PHE A 436 13.42 -4.42 -6.02
N ALA A 437 14.39 -4.46 -5.16
CA ALA A 437 14.78 -3.27 -4.40
C ALA A 437 16.17 -3.43 -3.78
N PRO A 438 16.93 -2.34 -3.59
CA PRO A 438 16.58 -0.99 -3.99
C PRO A 438 16.71 -0.91 -5.52
N TYR A 439 16.13 0.09 -6.13
CA TYR A 439 16.18 0.20 -7.60
C TYR A 439 17.60 0.20 -8.13
N ASP A 440 18.40 1.04 -7.50
CA ASP A 440 19.78 1.10 -7.84
C ASP A 440 20.49 0.03 -7.00
N HIS A 441 21.23 -0.87 -7.63
CA HIS A 441 21.92 -1.97 -6.96
C HIS A 441 20.96 -2.84 -6.15
N PRO A 442 20.09 -3.56 -6.84
CA PRO A 442 19.14 -4.37 -6.10
C PRO A 442 19.77 -5.46 -5.27
N THR A 443 19.28 -5.73 -4.07
CA THR A 443 19.80 -6.83 -3.29
C THR A 443 18.67 -7.81 -2.95
N LEU A 444 17.45 -7.52 -3.39
CA LEU A 444 16.35 -8.46 -3.12
C LEU A 444 15.33 -8.43 -4.26
N VAL A 445 14.69 -9.58 -4.46
CA VAL A 445 13.63 -9.77 -5.45
C VAL A 445 12.48 -10.45 -4.72
N VAL A 446 11.23 -10.06 -5.06
CA VAL A 446 10.04 -10.65 -4.52
C VAL A 446 9.12 -11.09 -5.68
N SER A 447 8.41 -12.20 -5.48
CA SER A 447 7.44 -12.67 -6.41
C SER A 447 6.23 -13.09 -5.57
N VAL A 448 5.04 -12.63 -5.95
CA VAL A 448 3.85 -12.87 -5.16
C VAL A 448 2.66 -13.21 -6.00
N VAL A 449 1.83 -14.13 -5.51
CA VAL A 449 0.49 -14.31 -6.03
C VAL A 449 -0.47 -14.32 -4.80
N ILE A 450 -1.57 -13.58 -4.89
CA ILE A 450 -2.64 -13.60 -3.91
C ILE A 450 -3.83 -14.09 -4.74
N GLU A 451 -4.36 -15.26 -4.39
CA GLU A 451 -5.50 -15.85 -5.07
C GLU A 451 -6.76 -15.24 -4.47
N GLY A 452 -7.66 -14.81 -5.32
CA GLY A 452 -8.85 -14.16 -4.87
C GLY A 452 -9.87 -15.12 -4.32
N ASN A 453 -10.08 -16.20 -5.07
CA ASN A 453 -11.14 -17.21 -4.79
C ASN A 453 -12.40 -16.63 -4.17
N GLY A 454 -13.03 -15.74 -4.95
CA GLY A 454 -14.26 -15.08 -4.51
C GLY A 454 -14.05 -13.65 -4.05
N GLU A 455 -13.01 -13.40 -3.24
CA GLU A 455 -12.77 -12.05 -2.78
C GLU A 455 -12.10 -11.28 -3.93
N ASN A 456 -12.38 -10.00 -3.99
CA ASN A 456 -11.76 -9.12 -4.95
C ASN A 456 -10.39 -8.83 -4.34
N VAL A 457 -9.32 -9.21 -5.03
CA VAL A 457 -7.96 -8.94 -4.49
C VAL A 457 -7.17 -8.04 -5.41
N LEU A 458 -7.87 -7.17 -6.14
CA LEU A 458 -7.22 -6.25 -7.09
C LEU A 458 -6.15 -5.39 -6.46
N GLY A 459 -4.93 -5.52 -6.97
CA GLY A 459 -3.78 -4.77 -6.48
C GLY A 459 -3.12 -5.32 -5.22
N TYR A 460 -3.65 -6.44 -4.69
CA TYR A 460 -3.08 -6.98 -3.44
C TYR A 460 -1.65 -7.46 -3.59
N GLY A 461 -1.35 -8.06 -4.74
CA GLY A 461 0.03 -8.55 -4.96
C GLY A 461 1.07 -7.42 -4.70
N ALA A 462 0.86 -6.28 -5.35
CA ALA A 462 1.74 -5.09 -5.18
C ALA A 462 1.85 -4.62 -3.73
N GLN A 463 0.73 -4.54 -3.01
CA GLN A 463 0.78 -4.11 -1.62
C GLN A 463 1.57 -5.08 -0.77
N VAL A 464 1.34 -6.36 -0.94
CA VAL A 464 2.09 -7.40 -0.21
C VAL A 464 3.58 -7.37 -0.61
N GLY A 465 3.80 -7.25 -1.91
CA GLY A 465 5.17 -7.22 -2.41
C GLY A 465 6.02 -6.09 -1.84
N GLY A 466 5.48 -4.89 -1.84
CA GLY A 466 6.19 -3.74 -1.35
C GLY A 466 6.44 -3.84 0.14
N ARG A 467 5.46 -4.36 0.86
CA ARG A 467 5.60 -4.46 2.32
C ARG A 467 6.67 -5.50 2.66
N VAL A 468 6.66 -6.60 1.91
CA VAL A 468 7.65 -7.69 2.11
C VAL A 468 9.09 -7.18 1.78
N LEU A 469 9.23 -6.51 0.65
CA LEU A 469 10.56 -5.99 0.31
C LEU A 469 11.10 -5.01 1.36
N ALA A 470 10.25 -4.14 1.85
CA ALA A 470 10.73 -3.13 2.81
C ALA A 470 11.16 -3.78 4.10
N GLN A 471 10.38 -4.74 4.56
CA GLN A 471 10.69 -5.43 5.81
C GLN A 471 11.93 -6.30 5.66
N CYS A 472 12.10 -6.90 4.48
CA CYS A 472 13.27 -7.73 4.24
C CYS A 472 14.52 -6.90 4.06
N LEU A 473 14.40 -5.74 3.47
CA LEU A 473 15.58 -4.87 3.36
C LEU A 473 16.07 -4.44 4.75
N ASN A 474 15.14 -4.18 5.65
CA ASN A 474 15.51 -3.81 7.02
C ASN A 474 16.20 -4.95 7.76
N ILE A 475 15.75 -6.18 7.51
CA ILE A 475 16.40 -7.34 8.07
C ILE A 475 17.80 -7.45 7.49
N GLN A 476 17.94 -7.31 6.17
CA GLN A 476 19.28 -7.36 5.53
C GLN A 476 20.25 -6.37 6.10
N ALA A 477 19.76 -5.18 6.43
CA ALA A 477 20.63 -4.14 6.91
C ALA A 477 21.17 -4.44 8.30
N LEU A 478 20.57 -5.37 9.04
CA LEU A 478 21.10 -5.67 10.37
C LEU A 478 22.41 -6.46 10.32
N SER B 51 15.49 42.18 21.81
CA SER B 51 15.32 41.86 20.36
C SER B 51 15.51 40.36 20.06
N ALA B 52 16.62 40.10 19.39
CA ALA B 52 17.05 38.78 18.99
C ALA B 52 18.15 38.27 19.93
N TYR B 53 18.27 38.87 21.11
CA TYR B 53 19.29 38.46 22.08
C TYR B 53 18.78 37.37 23.01
N VAL B 54 17.50 37.04 22.88
CA VAL B 54 16.89 36.01 23.72
C VAL B 54 16.71 34.72 22.93
N GLN B 55 17.35 33.65 23.41
CA GLN B 55 17.27 32.34 22.75
C GLN B 55 15.84 31.83 22.71
N ARG B 56 15.37 31.52 21.51
CA ARG B 56 14.03 31.07 21.29
C ARG B 56 13.97 29.56 21.54
N GLY B 57 12.87 29.09 22.14
CA GLY B 57 12.70 27.64 22.39
C GLY B 57 12.66 26.77 21.12
N ALA B 58 12.84 25.46 21.30
CA ALA B 58 12.87 24.52 20.18
C ALA B 58 11.50 23.94 19.87
N ILE B 59 11.38 23.36 18.67
CA ILE B 59 10.12 22.72 18.21
C ILE B 59 10.52 21.30 17.85
N ILE B 60 9.89 20.34 18.50
CA ILE B 60 10.28 18.94 18.40
C ILE B 60 9.09 18.04 18.23
N THR B 61 9.23 17.00 17.41
CA THR B 61 8.15 16.04 17.21
C THR B 61 7.99 15.15 18.45
N SER B 62 6.87 14.41 18.51
CA SER B 62 6.60 13.56 19.66
C SER B 62 7.64 12.47 19.81
N ASP B 63 8.26 12.05 18.70
CA ASP B 63 9.28 11.01 18.73
C ASP B 63 10.68 11.57 18.83
N GLY B 64 10.80 12.82 19.27
CA GLY B 64 12.10 13.45 19.53
C GLY B 64 12.88 14.08 18.42
N VAL B 65 12.27 14.34 17.26
CA VAL B 65 13.01 14.97 16.19
C VAL B 65 12.89 16.50 16.26
N THR B 66 14.01 17.17 16.41
CA THR B 66 14.02 18.62 16.49
C THR B 66 13.83 19.23 15.09
N LEU B 67 12.81 20.05 14.92
CA LEU B 67 12.54 20.66 13.63
C LEU B 67 12.89 22.13 13.60
N ALA B 68 13.11 22.74 14.76
CA ALA B 68 13.51 24.15 14.81
C ALA B 68 14.28 24.41 16.09
N GLU B 69 15.43 25.04 15.94
CA GLU B 69 16.33 25.42 17.05
C GLU B 69 16.86 26.83 16.84
N SER B 70 17.29 27.49 17.92
CA SER B 70 17.90 28.81 17.82
C SER B 70 19.33 28.65 18.29
N VAL B 71 20.25 29.10 17.43
CA VAL B 71 21.67 28.98 17.76
C VAL B 71 22.35 30.34 18.00
N LYS B 72 23.05 30.35 19.12
CA LYS B 72 23.79 31.49 19.61
C LYS B 72 24.90 31.87 18.66
N GLN B 73 25.13 33.16 18.53
CA GLN B 73 26.20 33.65 17.69
C GLN B 73 27.12 34.52 18.52
N ASP B 74 28.40 34.52 18.16
CA ASP B 74 29.40 35.35 18.83
C ASP B 74 28.86 36.76 18.96
N ASP B 75 28.28 37.21 17.85
CA ASP B 75 27.64 38.51 17.77
C ASP B 75 26.78 38.79 19.00
N THR B 77 23.45 37.67 19.27
CA THR B 77 22.13 37.27 18.77
C THR B 77 22.03 35.78 18.46
N TYR B 78 20.80 35.35 18.26
CA TYR B 78 20.50 33.96 17.94
C TYR B 78 19.96 33.84 16.53
N VAL B 79 20.33 32.76 15.84
CA VAL B 79 19.82 32.51 14.48
C VAL B 79 18.89 31.27 14.54
N ARG B 80 17.83 31.31 13.74
CA ARG B 80 16.87 30.21 13.72
C ARG B 80 17.27 29.18 12.67
N ASN B 81 17.56 27.97 13.16
CA ASN B 81 17.96 26.83 12.36
C ASN B 81 16.77 25.84 12.21
N TYR B 82 16.65 25.23 11.04
CA TYR B 82 15.58 24.28 10.78
C TYR B 82 16.11 22.94 10.32
N PRO B 83 16.44 22.05 11.26
CA PRO B 83 16.90 20.73 10.90
C PRO B 83 15.78 19.99 10.15
N HIS B 84 16.18 19.09 9.27
CA HIS B 84 15.23 18.34 8.45
C HIS B 84 14.33 19.33 7.75
N ASP B 85 14.95 20.43 7.32
CA ASP B 85 14.25 21.51 6.65
C ASP B 85 13.41 20.93 5.53
N GLY B 86 12.12 21.22 5.52
CA GLY B 86 11.21 20.64 4.53
C GLY B 86 10.18 19.72 5.20
N MSE B 87 10.48 19.23 6.39
CA MSE B 87 9.52 18.38 7.07
C MSE B 87 8.51 19.20 7.84
O MSE B 87 8.85 20.03 8.70
CB MSE B 87 10.17 17.44 8.05
CG MSE B 87 9.04 16.63 8.68
SE MSE B 87 9.80 15.23 9.81
CE MSE B 87 9.74 13.84 8.37
N ALA B 88 7.22 18.96 7.54
CA ALA B 88 6.11 19.66 8.18
C ALA B 88 6.28 21.17 8.16
N SER B 89 6.73 21.68 7.03
CA SER B 89 7.01 23.12 6.93
C SER B 89 5.87 24.01 7.37
N HIS B 90 4.68 23.78 6.82
CA HIS B 90 3.56 24.64 7.18
C HIS B 90 3.22 24.59 8.68
N THR B 91 3.44 23.46 9.32
CA THR B 91 3.11 23.31 10.71
C THR B 91 4.17 23.96 11.57
N VAL B 92 5.42 23.75 11.19
CA VAL B 92 6.54 24.36 11.93
C VAL B 92 6.40 25.88 11.79
N GLY B 93 6.17 26.31 10.57
CA GLY B 93 5.93 27.72 10.36
C GLY B 93 7.15 28.62 10.29
N TYR B 94 6.89 29.91 10.39
CA TYR B 94 7.93 30.92 10.26
C TYR B 94 7.46 32.30 10.65
N ILE B 95 8.43 33.19 10.81
CA ILE B 95 8.17 34.61 11.11
C ILE B 95 8.99 35.37 10.09
N SER B 96 8.32 35.87 9.05
CA SER B 96 8.94 36.55 7.91
C SER B 96 8.28 37.92 7.63
N THR B 97 9.09 38.96 7.50
CA THR B 97 8.56 40.25 7.16
C THR B 97 7.87 40.15 5.80
N GLN B 98 8.47 39.49 4.84
CA GLN B 98 7.90 39.38 3.51
C GLN B 98 6.71 38.43 3.38
N TYR B 99 6.89 37.23 3.89
CA TYR B 99 5.90 36.18 3.79
C TYR B 99 4.89 36.06 4.95
N GLY B 100 5.06 36.82 6.00
CA GLY B 100 4.12 36.78 7.12
C GLY B 100 4.50 35.78 8.20
N THR B 101 3.53 35.41 9.00
CA THR B 101 3.76 34.42 10.05
C THR B 101 2.83 33.21 9.88
N ALA B 102 3.30 32.05 10.26
CA ALA B 102 2.52 30.82 10.14
C ALA B 102 2.97 29.78 11.13
N GLY B 103 2.16 28.75 11.26
CA GLY B 103 2.47 27.61 12.12
C GLY B 103 2.77 27.88 13.59
N ILE B 104 3.52 26.95 14.19
CA ILE B 104 3.90 27.01 15.60
C ILE B 104 4.80 28.20 15.93
N GLU B 105 5.72 28.57 15.05
CA GLU B 105 6.59 29.72 15.33
C GLU B 105 5.70 30.91 15.69
N SER B 106 4.62 31.05 14.96
CA SER B 106 3.65 32.11 15.17
C SER B 106 2.72 31.87 16.37
N SER B 107 1.96 30.78 16.35
CA SER B 107 1.00 30.48 17.40
C SER B 107 1.57 30.31 18.81
N MSE B 108 2.79 29.79 18.94
CA MSE B 108 3.41 29.60 20.26
C MSE B 108 4.51 30.58 20.44
O MSE B 108 5.42 30.39 21.26
CB MSE B 108 4.03 28.21 20.37
CG MSE B 108 3.02 27.09 20.16
SE MSE B 108 1.71 27.05 21.64
CE MSE B 108 0.14 27.32 20.44
N ASN B 109 4.43 31.65 19.67
CA ASN B 109 5.47 32.64 19.73
C ASN B 109 5.83 33.09 21.14
N GLU B 110 4.85 33.34 22.00
CA GLU B 110 5.16 33.78 23.38
C GLU B 110 5.91 32.75 24.21
N THR B 111 5.46 31.50 24.11
CA THR B 111 6.06 30.39 24.82
C THR B 111 7.48 30.23 24.32
N LEU B 112 7.62 30.28 22.99
CA LEU B 112 8.91 30.17 22.35
C LEU B 112 9.72 31.42 22.64
N THR B 113 9.00 32.54 22.75
CA THR B 113 9.60 33.86 23.08
C THR B 113 9.75 33.96 24.60
N SER B 119 7.56 43.80 32.11
CA SER B 119 8.61 44.79 32.37
C SER B 119 9.11 44.83 33.84
N ASP B 120 10.43 44.90 33.93
CA ASP B 120 11.17 44.86 35.18
C ASP B 120 12.49 45.60 34.89
N TRP B 121 13.21 46.01 35.94
CA TRP B 121 14.43 46.82 35.82
C TRP B 121 15.50 46.35 34.83
N ARG B 122 15.52 45.05 34.55
CA ARG B 122 16.50 44.50 33.65
C ARG B 122 16.16 44.76 32.21
N SER B 123 14.87 44.86 31.91
CA SER B 123 14.43 45.06 30.51
C SER B 123 15.02 46.30 29.91
N ALA B 124 15.40 47.28 30.74
CA ALA B 124 16.00 48.52 30.21
C ALA B 124 17.43 48.29 29.71
N LEU B 125 18.00 47.12 30.02
CA LEU B 125 19.34 46.81 29.57
C LEU B 125 19.37 45.64 28.61
N TYR B 126 19.64 45.95 27.34
CA TYR B 126 19.73 44.94 26.29
C TYR B 126 20.78 43.91 26.63
N SER B 127 21.86 44.34 27.29
CA SER B 127 22.94 43.43 27.66
C SER B 127 22.47 42.30 28.55
N MSE B 128 21.32 42.47 29.22
CA MSE B 128 20.81 41.44 30.10
C MSE B 128 19.71 40.62 29.52
O MSE B 128 19.25 39.69 30.14
CB MSE B 128 20.24 42.11 31.34
CG MSE B 128 21.30 43.09 31.77
SE MSE B 128 21.02 43.38 33.68
CE MSE B 128 19.65 44.78 33.64
N ALA B 129 19.25 40.96 28.33
CA ALA B 129 18.17 40.21 27.71
C ALA B 129 18.43 38.70 27.73
N GLY B 130 19.61 38.30 27.30
CA GLY B 130 19.94 36.88 27.23
C GLY B 130 19.98 36.16 28.56
N ILE B 131 20.29 36.92 29.62
CA ILE B 131 20.46 36.38 30.97
C ILE B 131 19.24 35.79 31.65
N ASN B 132 18.30 36.65 31.99
CA ASN B 132 17.14 36.21 32.74
C ASN B 132 16.21 35.23 32.01
N THR B 133 15.75 35.58 30.81
CA THR B 133 14.82 34.71 30.08
C THR B 133 15.40 33.91 28.91
N THR B 134 14.83 32.72 28.74
CA THR B 134 15.16 31.76 27.68
C THR B 134 13.81 31.08 27.31
N GLY B 135 13.44 31.08 26.04
CA GLY B 135 12.16 30.49 25.61
C GLY B 135 11.96 29.00 25.94
N SER B 136 10.73 28.59 26.17
CA SER B 136 10.50 27.18 26.47
C SER B 136 10.28 26.47 25.12
N SER B 137 10.54 25.17 25.11
CA SER B 137 10.37 24.36 23.91
C SER B 137 9.00 23.73 23.76
N VAL B 138 8.70 23.36 22.53
CA VAL B 138 7.39 22.83 22.23
C VAL B 138 7.52 21.45 21.61
N VAL B 139 6.81 20.49 22.22
CA VAL B 139 6.80 19.16 21.73
C VAL B 139 5.43 18.99 21.04
N LEU B 140 5.48 18.70 19.75
CA LEU B 140 4.25 18.48 18.97
C LEU B 140 3.76 17.05 19.10
N THR B 141 2.51 16.85 18.71
CA THR B 141 1.89 15.55 18.64
C THR B 141 2.34 14.86 17.38
N ILE B 142 2.88 15.63 16.45
CA ILE B 142 3.33 15.11 15.15
C ILE B 142 4.39 14.00 15.36
N ASN B 143 4.19 12.87 14.67
CA ASN B 143 5.15 11.78 14.72
C ASN B 143 5.95 11.88 13.42
N SER B 144 7.28 11.88 13.52
CA SER B 144 8.10 12.08 12.31
C SER B 144 7.99 10.99 11.30
N GLN B 145 7.74 9.75 11.75
CA GLN B 145 7.62 8.67 10.83
C GLN B 145 6.33 8.76 10.05
N MSE B 146 5.22 9.07 10.73
CA MSE B 146 3.91 9.23 10.09
C MSE B 146 3.94 10.44 9.24
O MSE B 146 3.29 10.48 8.21
CB MSE B 146 2.81 9.39 11.14
CG MSE B 146 2.88 8.17 12.04
SE MSE B 146 1.16 8.17 12.98
CE MSE B 146 1.41 6.62 14.17
N GLN B 147 4.68 11.48 9.69
CA GLN B 147 4.83 12.67 8.86
C GLN B 147 5.47 12.35 7.50
N ALA B 148 6.54 11.56 7.55
CA ALA B 148 7.29 11.17 6.36
C ALA B 148 6.43 10.31 5.46
N VAL B 149 5.61 9.43 6.05
CA VAL B 149 4.66 8.63 5.25
C VAL B 149 3.70 9.57 4.46
N ALA B 150 3.17 10.57 5.16
CA ALA B 150 2.20 11.48 4.56
C ALA B 150 2.86 12.32 3.49
N GLU B 151 4.06 12.81 3.78
CA GLU B 151 4.76 13.61 2.77
C GLU B 151 5.13 12.82 1.49
N ALA B 152 5.56 11.57 1.64
CA ALA B 152 5.94 10.72 0.53
C ALA B 152 4.70 10.43 -0.31
N ALA B 153 3.55 10.28 0.34
CA ALA B 153 2.33 9.96 -0.35
C ALA B 153 1.81 11.10 -1.23
N LEU B 154 2.26 12.33 -0.98
CA LEU B 154 1.84 13.51 -1.75
C LEU B 154 2.87 13.90 -2.80
N GLN B 155 4.02 13.24 -2.80
CA GLN B 155 5.06 13.58 -3.81
C GLN B 155 4.48 13.54 -5.22
N GLY B 156 4.71 14.61 -5.96
CA GLY B 156 4.17 14.71 -7.33
C GLY B 156 2.75 15.27 -7.44
N TYR B 157 2.12 15.57 -6.30
CA TYR B 157 0.75 16.05 -6.32
C TYR B 157 0.58 17.28 -5.49
N SER B 158 -0.48 18.00 -5.82
CA SER B 158 -0.93 19.11 -5.01
C SER B 158 -2.07 18.55 -4.17
N GLY B 159 -2.08 18.90 -2.88
CA GLY B 159 -3.17 18.44 -2.00
C GLY B 159 -2.69 18.40 -0.56
N SER B 160 -3.38 17.65 0.27
CA SER B 160 -2.98 17.57 1.68
C SER B 160 -3.50 16.30 2.33
N ILE B 161 -2.91 16.00 3.47
CA ILE B 161 -3.26 14.85 4.23
C ILE B 161 -3.16 15.20 5.70
N VAL B 162 -4.10 14.70 6.48
CA VAL B 162 -4.09 14.82 7.97
C VAL B 162 -4.29 13.40 8.52
N VAL B 163 -3.50 13.03 9.53
CA VAL B 163 -3.66 11.77 10.23
C VAL B 163 -3.86 12.20 11.66
N MSE B 164 -4.90 11.65 12.28
CA MSE B 164 -5.29 12.05 13.63
C MSE B 164 -5.76 10.91 14.46
O MSE B 164 -6.20 9.88 13.96
CB MSE B 164 -6.52 12.91 13.33
CG MSE B 164 -7.04 13.54 14.59
SE MSE B 164 -8.67 14.56 14.11
CE MSE B 164 -7.73 16.11 13.39
N ASP B 165 -5.59 11.09 15.76
CA ASP B 165 -6.01 10.11 16.71
C ASP B 165 -7.46 10.39 16.98
N PRO B 166 -8.35 9.40 16.70
CA PRO B 166 -9.77 9.67 16.90
C PRO B 166 -10.27 9.88 18.35
N SER B 167 -9.59 9.33 19.32
CA SER B 167 -10.11 9.50 20.67
C SER B 167 -9.71 10.84 21.30
N THR B 168 -8.73 11.55 20.75
CA THR B 168 -8.27 12.81 21.36
C THR B 168 -8.23 13.99 20.44
N GLY B 169 -8.21 13.75 19.12
CA GLY B 169 -8.07 14.84 18.19
C GLY B 169 -6.60 15.22 18.02
N ALA B 170 -5.67 14.45 18.56
CA ALA B 170 -4.24 14.74 18.35
C ALA B 170 -3.86 14.58 16.91
N VAL B 171 -3.14 15.55 16.35
CA VAL B 171 -2.72 15.50 14.95
C VAL B 171 -1.33 14.84 14.88
N LEU B 172 -1.31 13.66 14.24
CA LEU B 172 -0.12 12.80 14.14
C LEU B 172 0.71 13.06 12.91
N ALA B 173 0.05 13.55 11.86
CA ALA B 173 0.73 13.96 10.67
C ALA B 173 -0.14 15.01 9.98
N LYS B 174 0.52 15.99 9.38
CA LYS B 174 -0.19 17.10 8.74
C LYS B 174 0.68 17.58 7.60
N ALA B 175 0.23 17.35 6.38
CA ALA B 175 1.06 17.67 5.25
C ALA B 175 0.30 18.31 4.13
N SER B 176 0.93 19.35 3.56
CA SER B 176 0.38 20.09 2.41
C SER B 176 1.38 20.09 1.27
N SER B 177 0.88 19.99 0.04
CA SER B 177 1.75 19.96 -1.14
C SER B 177 1.15 20.82 -2.25
N PRO B 178 1.99 21.56 -2.98
CA PRO B 178 3.42 21.62 -2.84
C PRO B 178 3.86 22.31 -1.58
N SER B 179 5.06 21.97 -1.09
CA SER B 179 5.56 22.60 0.12
C SER B 179 6.77 23.43 -0.22
N TYR B 180 7.53 23.78 0.82
CA TYR B 180 8.72 24.62 0.66
C TYR B 180 9.67 24.35 1.81
N THR B 181 10.85 24.96 1.72
CA THR B 181 11.83 24.84 2.77
C THR B 181 12.04 26.23 3.36
N HIS B 182 12.51 26.28 4.59
CA HIS B 182 12.78 27.56 5.24
C HIS B 182 13.90 28.31 4.54
N ALA B 183 14.83 27.58 3.95
CA ALA B 183 15.91 28.21 3.21
C ALA B 183 15.30 29.00 2.07
N GLU B 184 14.34 28.38 1.37
CA GLU B 184 13.64 29.06 0.27
C GLU B 184 12.94 30.36 0.64
N LEU B 185 12.59 30.54 1.90
CA LEU B 185 11.92 31.78 2.35
C LEU B 185 12.87 32.97 2.25
N GLY B 186 14.17 32.69 2.33
CA GLY B 186 15.18 33.73 2.15
C GLY B 186 15.40 34.05 0.67
N THR B 187 14.40 33.77 -0.19
CA THR B 187 14.49 34.04 -1.63
C THR B 187 13.11 34.46 -2.13
N ILE B 188 12.96 34.57 -3.45
CA ILE B 188 11.68 34.96 -4.07
C ILE B 188 10.88 33.70 -4.41
N ILE B 189 9.68 33.56 -3.85
CA ILE B 189 8.82 32.39 -4.09
C ILE B 189 7.66 32.70 -5.03
N SER B 195 -0.32 28.66 -4.08
CA SER B 195 1.13 28.58 -3.94
C SER B 195 1.56 27.60 -2.85
N GLN B 196 2.85 27.36 -2.84
CA GLN B 196 3.47 26.48 -1.89
C GLN B 196 3.22 26.94 -0.46
N LEU B 197 3.03 28.23 -0.26
CA LEU B 197 2.87 28.73 1.10
C LEU B 197 1.50 28.44 1.72
N VAL B 198 0.49 28.20 0.90
CA VAL B 198 -0.84 27.89 1.39
C VAL B 198 -0.84 26.55 2.13
N ASP B 199 -1.42 26.52 3.30
CA ASP B 199 -1.53 25.28 4.07
C ASP B 199 -2.86 24.68 3.69
N ARG B 200 -2.82 23.71 2.81
CA ARG B 200 -4.01 23.05 2.30
C ARG B 200 -4.67 22.10 3.30
N THR B 201 -4.14 21.95 4.52
CA THR B 201 -4.82 21.12 5.50
C THR B 201 -5.85 21.95 6.26
N THR B 202 -5.54 23.23 6.44
CA THR B 202 -6.32 24.07 7.31
C THR B 202 -6.75 25.44 6.82
N GLN B 203 -6.12 25.91 5.78
CA GLN B 203 -6.38 27.26 5.29
C GLN B 203 -6.76 27.36 3.82
N ALA B 204 -7.34 26.30 3.29
CA ALA B 204 -7.86 26.30 1.91
C ALA B 204 -9.20 25.64 2.05
N LEU B 205 -10.18 26.14 1.31
CA LEU B 205 -11.50 25.58 1.38
C LEU B 205 -11.76 24.88 0.07
N TYR B 206 -12.51 23.78 0.17
CA TYR B 206 -12.85 22.94 -0.96
C TYR B 206 -14.27 22.45 -0.88
N SER B 207 -14.90 22.25 -2.03
CA SER B 207 -16.20 21.58 -2.07
C SER B 207 -15.85 20.15 -1.71
N PRO B 208 -16.40 19.60 -0.60
CA PRO B 208 -16.04 18.24 -0.19
C PRO B 208 -16.61 17.14 -1.07
N GLY B 209 -17.55 17.48 -1.94
CA GLY B 209 -18.18 16.48 -2.77
C GLY B 209 -18.78 15.38 -1.90
N SER B 210 -18.75 14.15 -2.40
CA SER B 210 -19.42 13.03 -1.74
C SER B 210 -18.85 12.67 -0.33
N SER B 211 -17.66 13.16 0.04
CA SER B 211 -17.15 12.87 1.38
C SER B 211 -18.13 13.42 2.41
N PHE B 212 -18.85 14.50 2.05
CA PHE B 212 -19.82 15.15 2.93
C PHE B 212 -21.05 14.28 3.18
N LYS B 213 -21.34 13.32 2.28
CA LYS B 213 -22.49 12.44 2.49
C LYS B 213 -22.42 11.75 3.85
N THR B 214 -21.23 11.69 4.42
CA THR B 214 -21.08 11.10 5.72
C THR B 214 -21.96 11.85 6.73
N VAL B 215 -21.99 13.17 6.62
CA VAL B 215 -22.77 14.03 7.47
C VAL B 215 -24.24 13.83 7.19
N THR B 216 -24.63 13.82 5.92
CA THR B 216 -26.05 13.63 5.54
C THR B 216 -26.59 12.29 6.08
N LEU B 217 -25.78 11.24 5.94
CA LEU B 217 -26.14 9.92 6.42
C LEU B 217 -26.27 9.95 7.96
N ALA B 218 -25.26 10.48 8.61
CA ALA B 218 -25.29 10.55 10.10
C ALA B 218 -26.55 11.29 10.59
N ALA B 219 -26.83 12.43 10.02
CA ALA B 219 -28.00 13.17 10.37
C ALA B 219 -29.32 12.38 10.09
N GLY B 220 -29.39 11.66 8.98
CA GLY B 220 -30.62 10.92 8.63
C GLY B 220 -30.87 9.82 9.64
N ILE B 221 -29.80 9.13 10.02
CA ILE B 221 -29.90 8.09 10.99
C ILE B 221 -30.15 8.64 12.39
N ASP B 222 -29.48 9.70 12.75
CA ASP B 222 -29.59 10.20 14.13
C ASP B 222 -30.98 10.80 14.45
N THR B 223 -31.62 11.35 13.42
CA THR B 223 -32.95 11.91 13.57
C THR B 223 -34.03 10.82 13.42
N HIS B 224 -33.62 9.57 13.25
CA HIS B 224 -34.56 8.46 13.06
C HIS B 224 -35.49 8.65 11.87
N LYS B 225 -34.96 9.19 10.81
CA LYS B 225 -35.68 9.39 9.55
C LYS B 225 -35.39 8.34 8.48
N THR B 226 -34.38 7.50 8.70
CA THR B 226 -34.00 6.43 7.75
C THR B 226 -33.09 5.42 8.47
N THR B 227 -32.78 4.34 7.77
CA THR B 227 -31.91 3.31 8.26
C THR B 227 -31.10 2.89 7.07
N LEU B 228 -30.04 2.14 7.35
CA LEU B 228 -29.16 1.60 6.30
C LEU B 228 -29.88 0.64 5.35
N ASP B 229 -30.89 -0.08 5.85
CA ASP B 229 -31.62 -1.01 5.00
C ASP B 229 -32.85 -0.43 4.31
N THR B 230 -33.14 0.85 4.55
CA THR B 230 -34.25 1.54 3.93
C THR B 230 -33.92 1.71 2.43
N THR B 231 -34.85 1.40 1.54
CA THR B 231 -34.54 1.51 0.12
C THR B 231 -34.86 2.89 -0.43
N TYR B 232 -34.15 3.23 -1.49
CA TYR B 232 -34.24 4.51 -2.15
C TYR B 232 -34.17 4.31 -3.63
N SER B 233 -34.92 5.11 -4.35
CA SER B 233 -34.82 5.10 -5.78
C SER B 233 -33.53 5.87 -6.09
N ALA B 234 -32.66 5.30 -6.91
CA ALA B 234 -31.39 5.96 -7.24
C ALA B 234 -31.18 6.01 -8.76
N PRO B 235 -32.02 6.75 -9.47
CA PRO B 235 -31.91 6.85 -10.91
C PRO B 235 -30.79 7.76 -11.37
N GLY B 236 -30.55 7.71 -12.69
CA GLY B 236 -29.49 8.51 -13.29
C GLY B 236 -29.71 10.00 -13.16
N THR B 237 -30.96 10.38 -13.20
CA THR B 237 -31.32 11.76 -13.15
C THR B 237 -32.64 11.88 -12.41
N MSE B 238 -32.86 13.00 -11.75
CA MSE B 238 -34.08 13.19 -11.00
C MSE B 238 -34.32 14.65 -10.75
O MSE B 238 -33.38 15.39 -10.41
CB MSE B 238 -33.90 12.54 -9.64
CG MSE B 238 -35.25 12.36 -9.00
SE MSE B 238 -34.86 11.73 -7.18
CE MSE B 238 -36.62 12.12 -6.38
N GLU B 239 -35.58 15.06 -10.87
CA GLU B 239 -35.92 16.46 -10.66
C GLU B 239 -36.19 16.69 -9.22
N ILE B 240 -35.44 17.61 -8.64
CA ILE B 240 -35.61 17.97 -7.24
C ILE B 240 -35.55 19.50 -7.13
N GLY B 241 -36.59 20.09 -6.56
CA GLY B 241 -36.67 21.55 -6.39
C GLY B 241 -36.55 22.34 -7.67
N GLY B 242 -37.07 21.79 -8.76
CA GLY B 242 -37.04 22.48 -10.03
C GLY B 242 -35.71 22.44 -10.76
N GLY B 243 -34.78 21.62 -10.27
CA GLY B 243 -33.50 21.47 -10.95
C GLY B 243 -33.24 19.98 -11.04
N THR B 244 -32.28 19.58 -11.87
CA THR B 244 -31.99 18.17 -12.05
C THR B 244 -30.79 17.70 -11.21
N ILE B 245 -30.95 16.62 -10.45
CA ILE B 245 -29.80 16.03 -9.73
C ILE B 245 -29.41 14.80 -10.54
N HIS B 246 -28.12 14.53 -10.67
CA HIS B 246 -27.70 13.37 -11.41
C HIS B 246 -26.66 12.51 -10.71
N ASN B 247 -26.78 11.20 -10.87
CA ASN B 247 -25.70 10.33 -10.43
C ASN B 247 -24.53 10.49 -11.38
N TYR B 248 -23.32 10.20 -10.91
CA TYR B 248 -22.16 10.19 -11.78
C TYR B 248 -22.45 9.31 -13.01
N ALA B 249 -22.07 9.79 -14.19
CA ALA B 249 -22.30 9.10 -15.49
C ALA B 249 -23.78 8.79 -15.75
N ASN B 250 -24.67 9.56 -15.17
CA ASN B 250 -26.12 9.28 -15.27
C ASN B 250 -26.46 7.80 -15.04
N GLU B 251 -25.73 7.11 -14.17
CA GLU B 251 -26.01 5.71 -13.90
C GLU B 251 -27.33 5.47 -13.16
N ASP B 252 -28.21 4.66 -13.76
N ASP B 252 -28.21 4.67 -13.78
CA ASP B 252 -29.47 4.30 -13.14
CA ASP B 252 -29.51 4.29 -13.20
C ASP B 252 -29.07 3.13 -12.27
C ASP B 252 -29.24 3.08 -12.30
N MSE B 253 -29.30 3.24 -10.97
CA MSE B 253 -28.99 2.13 -10.06
C MSE B 253 -30.22 1.37 -9.62
O MSE B 253 -30.07 0.31 -8.99
CB MSE B 253 -28.24 2.63 -8.86
CG MSE B 253 -26.98 3.36 -9.32
SE MSE B 253 -26.05 3.86 -7.66
CE MSE B 253 -24.56 4.98 -8.30
N GLY B 254 -31.41 1.83 -9.99
CA GLY B 254 -32.65 1.18 -9.57
C GLY B 254 -32.96 1.52 -8.13
N THR B 255 -33.71 0.65 -7.47
CA THR B 255 -34.07 0.85 -6.08
C THR B 255 -33.07 0.04 -5.29
N ILE B 256 -32.39 0.71 -4.36
CA ILE B 256 -31.36 0.04 -3.56
C ILE B 256 -31.38 0.50 -2.14
N PRO B 257 -30.86 -0.31 -1.22
CA PRO B 257 -30.82 0.11 0.18
C PRO B 257 -29.89 1.26 0.37
N LEU B 258 -30.12 2.04 1.39
CA LEU B 258 -29.31 3.19 1.68
C LEU B 258 -27.82 2.83 1.81
N ARG B 259 -27.51 1.70 2.42
CA ARG B 259 -26.12 1.29 2.57
C ARG B 259 -25.41 1.14 1.24
N GLU B 260 -26.16 0.73 0.25
CA GLU B 260 -25.64 0.54 -1.07
C GLU B 260 -25.56 1.86 -1.79
N ALA B 261 -26.56 2.72 -1.65
CA ALA B 261 -26.51 4.02 -2.30
C ALA B 261 -25.28 4.79 -1.76
N PHE B 262 -24.96 4.58 -0.48
CA PHE B 262 -23.81 5.27 0.14
C PHE B 262 -22.52 4.66 -0.40
N ALA B 263 -22.42 3.33 -0.41
CA ALA B 263 -21.23 2.66 -0.89
C ALA B 263 -20.97 2.98 -2.37
N ARG B 264 -22.01 3.05 -3.17
CA ARG B 264 -21.85 3.41 -4.60
C ARG B 264 -21.85 4.94 -4.83
N SER B 265 -22.07 5.68 -3.76
CA SER B 265 -22.12 7.13 -3.79
C SER B 265 -23.12 7.73 -4.82
N SER B 266 -24.37 7.33 -4.71
CA SER B 266 -25.46 7.87 -5.55
C SER B 266 -25.90 9.25 -5.08
N ASN B 267 -25.71 10.26 -5.92
CA ASN B 267 -26.20 11.59 -5.60
C ASN B 267 -27.73 11.68 -5.50
N THR B 268 -28.40 11.02 -6.44
CA THR B 268 -29.85 11.08 -6.45
C THR B 268 -30.42 10.53 -5.16
N ALA B 269 -29.84 9.47 -4.65
CA ALA B 269 -30.39 8.89 -3.45
C ALA B 269 -30.08 9.75 -2.21
N LEU B 270 -28.82 10.19 -2.06
CA LEU B 270 -28.46 11.01 -0.88
C LEU B 270 -29.11 12.38 -0.92
N ALA B 271 -29.36 12.90 -2.12
CA ALA B 271 -30.06 14.18 -2.25
C ALA B 271 -31.47 14.03 -1.67
N GLN B 272 -32.15 12.92 -1.97
CA GLN B 272 -33.47 12.68 -1.36
C GLN B 272 -33.40 12.66 0.16
N LEU B 273 -32.39 12.01 0.72
CA LEU B 273 -32.25 12.01 2.16
C LEU B 273 -32.10 13.44 2.71
N GLY B 274 -31.22 14.24 2.12
CA GLY B 274 -31.04 15.63 2.52
C GLY B 274 -32.35 16.46 2.48
N VAL B 275 -33.12 16.32 1.41
CA VAL B 275 -34.42 16.97 1.31
C VAL B 275 -35.37 16.49 2.40
N ALA B 276 -35.31 15.20 2.76
CA ALA B 276 -36.15 14.68 3.85
C ALA B 276 -35.72 15.26 5.18
N LEU B 277 -34.41 15.43 5.34
CA LEU B 277 -33.89 16.05 6.54
C LEU B 277 -34.28 17.53 6.69
N GLY B 278 -34.16 18.28 5.60
CA GLY B 278 -34.42 19.72 5.59
C GLY B 278 -33.12 20.50 5.89
N ALA B 279 -33.17 21.79 5.66
CA ALA B 279 -31.98 22.61 5.79
C ALA B 279 -31.58 22.78 7.24
N ASP B 280 -32.55 22.97 8.13
CA ASP B 280 -32.21 23.19 9.52
C ASP B 280 -31.39 22.05 10.04
N ASN B 281 -31.84 20.83 9.74
CA ASN B 281 -31.17 19.63 10.22
C ASN B 281 -29.82 19.45 9.59
N LEU B 282 -29.77 19.57 8.27
CA LEU B 282 -28.51 19.39 7.59
C LEU B 282 -27.47 20.34 8.15
N VAL B 283 -27.83 21.62 8.31
CA VAL B 283 -26.88 22.60 8.80
C VAL B 283 -26.52 22.38 10.26
N SER B 284 -27.53 22.06 11.05
CA SER B 284 -27.30 21.87 12.44
C SER B 284 -26.32 20.70 12.67
N TYR B 285 -26.54 19.58 11.98
CA TYR B 285 -25.60 18.45 12.10
C TYR B 285 -24.15 18.80 11.62
N ALA B 286 -24.06 19.47 10.47
CA ALA B 286 -22.75 19.92 9.97
C ALA B 286 -22.04 20.76 11.07
N ARG B 287 -22.78 21.67 11.68
CA ARG B 287 -22.22 22.48 12.73
C ARG B 287 -21.85 21.70 13.98
N ALA B 288 -22.61 20.63 14.29
CA ALA B 288 -22.32 19.85 15.46
C ALA B 288 -21.00 19.10 15.27
N PHE B 289 -20.69 18.80 14.02
CA PHE B 289 -19.39 18.18 13.64
C PHE B 289 -18.23 19.13 13.52
N GLY B 290 -18.51 20.45 13.65
CA GLY B 290 -17.48 21.48 13.64
C GLY B 290 -17.58 22.60 12.63
N TYR B 291 -18.48 22.50 11.67
CA TYR B 291 -18.62 23.59 10.72
C TYR B 291 -18.94 24.86 11.47
N GLY B 292 -18.32 25.97 11.07
CA GLY B 292 -18.53 27.28 11.71
C GLY B 292 -17.51 27.52 12.81
N THR B 293 -16.79 26.50 13.23
CA THR B 293 -15.72 26.62 14.25
C THR B 293 -14.32 26.67 13.62
N ALA B 294 -13.45 27.51 14.17
CA ALA B 294 -12.08 27.62 13.77
C ALA B 294 -11.36 26.51 14.56
N LEU B 295 -11.43 25.31 14.02
CA LEU B 295 -10.83 24.14 14.63
C LEU B 295 -9.35 24.29 15.04
N GLY B 296 -9.01 23.71 16.17
CA GLY B 296 -7.63 23.68 16.58
C GLY B 296 -7.44 24.35 17.91
N GLN B 297 -7.02 23.59 18.91
CA GLN B 297 -6.77 24.24 20.19
C GLN B 297 -5.55 25.13 20.13
N ASP B 298 -4.61 24.84 19.23
CA ASP B 298 -3.29 25.52 19.23
C ASP B 298 -2.72 25.74 17.82
N PHE B 299 -3.62 25.79 16.86
CA PHE B 299 -3.28 26.10 15.46
C PHE B 299 -4.54 26.69 14.82
N SER B 300 -4.36 27.43 13.74
CA SER B 300 -5.43 28.13 13.04
C SER B 300 -5.97 27.36 11.90
N THR B 301 -7.28 27.23 11.91
CA THR B 301 -7.97 26.60 10.81
C THR B 301 -9.07 27.59 10.39
N THR B 302 -9.34 27.74 9.10
CA THR B 302 -10.41 28.62 8.66
C THR B 302 -11.67 27.80 8.79
N PRO B 303 -12.74 28.34 9.35
CA PRO B 303 -13.93 27.51 9.56
C PRO B 303 -14.56 26.99 8.28
N SER B 304 -15.05 25.76 8.33
CA SER B 304 -15.80 25.19 7.20
C SER B 304 -17.20 25.86 7.24
N LEU B 305 -17.80 26.04 6.08
CA LEU B 305 -19.00 26.81 6.00
C LEU B 305 -20.23 26.13 5.46
N MSE B 306 -21.38 26.49 6.03
CA MSE B 306 -22.68 26.05 5.56
C MSE B 306 -23.47 27.32 5.44
O MSE B 306 -23.16 28.32 6.10
CB MSE B 306 -23.50 25.20 6.54
CG MSE B 306 -22.88 23.84 6.80
SE MSE B 306 -22.98 22.88 5.09
CE MSE B 306 -24.88 22.32 4.98
N PRO B 307 -24.54 27.31 4.63
CA PRO B 307 -25.33 28.53 4.53
C PRO B 307 -26.20 28.76 5.73
N ASN B 308 -26.93 29.87 5.69
CA ASN B 308 -27.97 30.16 6.68
C ASN B 308 -29.09 29.26 6.15
N PRO B 309 -29.54 28.31 6.97
CA PRO B 309 -30.57 27.41 6.46
C PRO B 309 -31.79 28.08 5.92
N ALA B 310 -32.12 29.26 6.46
CA ALA B 310 -33.32 29.94 6.01
C ALA B 310 -33.17 30.50 4.64
N GLU B 311 -31.95 30.59 4.14
CA GLU B 311 -31.76 31.12 2.81
C GLU B 311 -31.65 30.04 1.75
N MSE B 312 -31.63 28.79 2.15
CA MSE B 312 -31.49 27.74 1.20
C MSE B 312 -32.72 27.39 0.47
O MSE B 312 -33.81 27.49 1.02
CB MSE B 312 -31.03 26.48 1.92
CG MSE B 312 -29.67 26.78 2.47
SE MSE B 312 -28.93 25.19 3.33
CE MSE B 312 -28.45 24.02 1.84
N THR B 313 -32.54 26.94 -0.77
CA THR B 313 -33.65 26.43 -1.59
C THR B 313 -33.61 24.92 -1.55
N THR B 314 -34.66 24.27 -2.05
CA THR B 314 -34.71 22.79 -2.06
C THR B 314 -33.66 22.20 -2.98
N TRP B 315 -33.48 22.81 -4.15
CA TRP B 315 -32.46 22.33 -5.09
C TRP B 315 -31.05 22.52 -4.49
N GLU B 316 -30.85 23.65 -3.84
CA GLU B 316 -29.57 23.94 -3.21
C GLU B 316 -29.32 22.88 -2.16
N LEU B 317 -30.33 22.61 -1.37
CA LEU B 317 -30.25 21.60 -0.30
C LEU B 317 -29.86 20.23 -0.81
N ALA B 318 -30.50 19.84 -1.92
CA ALA B 318 -30.25 18.57 -2.57
C ALA B 318 -28.78 18.43 -2.89
N TRP B 319 -28.20 19.43 -3.55
CA TRP B 319 -26.79 19.36 -3.87
C TRP B 319 -25.90 19.50 -2.63
N ALA B 320 -26.31 20.29 -1.64
CA ALA B 320 -25.48 20.44 -0.43
C ALA B 320 -25.38 19.08 0.29
N SER B 321 -26.45 18.30 0.22
N SER B 321 -26.45 18.30 0.21
CA SER B 321 -26.45 16.98 0.84
CA SER B 321 -26.48 16.97 0.80
C SER B 321 -25.45 16.02 0.17
C SER B 321 -25.44 16.03 0.17
N CYS B 322 -25.06 16.32 -1.07
CA CYS B 322 -24.06 15.55 -1.83
C CYS B 322 -22.67 16.24 -1.78
N GLY B 323 -22.54 17.29 -0.98
CA GLY B 323 -21.28 17.98 -0.80
C GLY B 323 -20.89 19.00 -1.84
N LEU B 324 -21.88 19.52 -2.56
CA LEU B 324 -21.63 20.56 -3.57
C LEU B 324 -22.35 21.85 -3.22
N PRO B 325 -21.59 22.95 -2.98
CA PRO B 325 -22.18 24.22 -2.66
C PRO B 325 -22.65 24.96 -3.92
N VAL B 326 -23.96 25.08 -4.11
CA VAL B 326 -24.50 25.81 -5.30
C VAL B 326 -25.40 27.01 -4.93
N GLY B 327 -25.44 27.35 -3.65
CA GLY B 327 -26.31 28.42 -3.19
C GLY B 327 -25.98 29.82 -3.69
N GLU B 328 -27.01 30.65 -3.79
CA GLU B 328 -26.87 32.07 -4.22
C GLU B 328 -27.66 32.87 -3.24
N HIS B 329 -26.99 33.52 -2.30
CA HIS B 329 -27.67 34.26 -1.26
C HIS B 329 -26.65 34.99 -0.46
N ALA B 330 -27.10 35.73 0.53
CA ALA B 330 -26.18 36.53 1.33
C ALA B 330 -25.13 35.70 2.05
N SER B 331 -25.60 34.66 2.72
CA SER B 331 -24.71 33.80 3.48
C SER B 331 -23.86 32.97 2.52
N PRO B 332 -22.76 32.43 3.02
CA PRO B 332 -21.95 31.64 2.10
C PRO B 332 -22.66 30.39 1.57
N ALA B 333 -22.31 29.98 0.36
CA ALA B 333 -22.78 28.71 -0.16
C ALA B 333 -22.02 27.62 0.63
N GLY B 334 -22.59 26.43 0.75
CA GLY B 334 -21.90 25.38 1.47
C GLY B 334 -22.45 24.01 1.09
N PRO B 335 -21.77 22.94 1.51
CA PRO B 335 -20.56 22.98 2.34
C PRO B 335 -19.27 23.37 1.64
N GLN B 336 -18.45 24.10 2.38
CA GLN B 336 -17.09 24.42 1.94
C GLN B 336 -16.29 23.91 3.14
N THR B 337 -15.35 23.02 2.88
CA THR B 337 -14.61 22.35 3.97
C THR B 337 -13.13 22.47 3.88
N THR B 338 -12.48 22.24 5.00
CA THR B 338 -11.03 22.11 5.05
C THR B 338 -10.79 20.59 5.21
N VAL B 339 -9.60 20.16 4.85
CA VAL B 339 -9.23 18.76 5.06
C VAL B 339 -9.21 18.43 6.54
N MSE B 340 -8.83 19.41 7.35
CA MSE B 340 -8.83 19.13 8.83
C MSE B 340 -10.27 18.84 9.33
O MSE B 340 -10.50 17.96 10.14
CB MSE B 340 -8.20 20.35 9.46
CG MSE B 340 -8.25 20.33 10.97
SE MSE B 340 -6.97 18.97 11.53
CE MSE B 340 -5.31 19.73 10.84
N GLN B 341 -11.25 19.55 8.77
CA GLN B 341 -12.65 19.35 9.16
C GLN B 341 -13.09 17.99 8.72
N ASN B 342 -12.66 17.58 7.53
CA ASN B 342 -13.03 16.21 7.11
C ASN B 342 -12.47 15.19 8.03
N ALA B 343 -11.26 15.46 8.51
CA ALA B 343 -10.68 14.56 9.51
C ALA B 343 -11.50 14.50 10.79
N VAL B 344 -11.93 15.67 11.27
CA VAL B 344 -12.71 15.76 12.54
C VAL B 344 -14.01 14.98 12.47
N ILE B 345 -14.64 15.04 11.29
CA ILE B 345 -15.80 14.24 11.04
C ILE B 345 -15.51 12.74 11.15
N ALA B 346 -14.47 12.28 10.46
CA ALA B 346 -14.12 10.89 10.48
C ALA B 346 -13.81 10.44 11.89
N ALA B 347 -13.13 11.31 12.64
CA ALA B 347 -12.77 10.96 14.02
C ALA B 347 -13.98 10.85 14.90
N ALA B 348 -14.93 11.79 14.73
CA ALA B 348 -16.15 11.76 15.53
C ALA B 348 -16.91 10.44 15.32
N ILE B 349 -17.01 10.05 14.05
CA ILE B 349 -17.65 8.83 13.72
C ILE B 349 -16.89 7.61 14.26
N ALA B 350 -15.58 7.63 14.15
CA ALA B 350 -14.79 6.57 14.72
C ALA B 350 -14.86 6.58 16.23
N ASN B 351 -15.07 7.74 16.83
CA ASN B 351 -15.06 7.94 18.32
C ASN B 351 -16.48 7.95 18.97
N GLY B 352 -17.40 7.16 18.43
CA GLY B 352 -18.74 7.05 18.98
C GLY B 352 -19.59 8.28 19.02
N GLY B 353 -19.31 9.15 18.06
CA GLY B 353 -20.03 10.40 17.88
C GLY B 353 -19.50 11.64 18.61
N VAL B 354 -18.47 11.46 19.43
CA VAL B 354 -17.87 12.52 20.19
C VAL B 354 -16.79 13.24 19.39
N VAL B 355 -17.05 14.52 19.13
CA VAL B 355 -16.21 15.40 18.36
C VAL B 355 -15.13 16.00 19.24
N MSE B 356 -13.90 15.96 18.78
CA MSE B 356 -12.79 16.49 19.56
C MSE B 356 -12.20 17.65 18.85
O MSE B 356 -12.14 17.66 17.60
CB MSE B 356 -11.70 15.44 19.76
CG MSE B 356 -12.24 14.17 20.37
SE MSE B 356 -12.87 14.57 22.18
CE MSE B 356 -11.19 14.86 23.19
N ASN B 357 -11.81 18.64 19.62
CA ASN B 357 -11.13 19.82 19.04
C ASN B 357 -9.66 19.43 18.79
N PRO B 358 -9.25 19.39 17.53
CA PRO B 358 -7.92 18.86 17.30
C PRO B 358 -6.83 19.74 17.84
N TYR B 359 -5.67 19.14 18.18
CA TYR B 359 -4.54 19.90 18.69
C TYR B 359 -3.23 19.36 18.16
N ILE B 360 -2.21 20.23 18.14
CA ILE B 360 -0.95 19.80 17.61
C ILE B 360 0.24 19.93 18.58
N VAL B 361 0.02 20.51 19.75
CA VAL B 361 1.09 20.58 20.76
C VAL B 361 0.78 19.58 21.86
N ASP B 362 1.68 18.65 22.09
CA ASP B 362 1.49 17.70 23.16
C ASP B 362 1.80 18.35 24.54
N ARG B 363 2.95 19.02 24.62
CA ARG B 363 3.41 19.66 25.89
C ARG B 363 4.47 20.73 25.66
N VAL B 364 4.77 21.46 26.72
CA VAL B 364 5.74 22.54 26.70
C VAL B 364 6.81 22.20 27.72
N LEU B 365 8.06 22.41 27.36
CA LEU B 365 9.18 22.09 28.23
C LEU B 365 9.99 23.35 28.56
N SER B 366 10.49 23.42 29.79
CA SER B 366 11.29 24.57 30.19
C SER B 366 12.63 24.39 29.52
N PRO B 367 13.44 25.44 29.50
CA PRO B 367 14.77 25.26 28.91
C PRO B 367 15.58 24.13 29.59
N GLU B 368 15.28 23.81 30.85
CA GLU B 368 16.03 22.78 31.58
C GLU B 368 15.48 21.38 31.24
N GLY B 369 14.37 21.30 30.51
CA GLY B 369 13.81 20.01 30.12
C GLY B 369 12.65 19.53 31.00
N ALA B 370 12.14 20.39 31.86
CA ALA B 370 11.01 20.03 32.70
C ALA B 370 9.70 20.30 31.96
N VAL B 371 8.68 19.50 32.28
CA VAL B 371 7.37 19.66 31.68
C VAL B 371 6.62 20.82 32.33
N VAL B 372 6.43 21.90 31.56
CA VAL B 372 5.73 23.09 32.03
C VAL B 372 4.20 22.95 31.93
N SER B 373 3.70 22.34 30.87
CA SER B 373 2.24 22.16 30.72
C SER B 373 1.97 21.05 29.72
N THR B 374 0.81 20.44 29.86
CA THR B 374 0.39 19.36 28.99
C THR B 374 -0.95 19.74 28.40
N THR B 375 -1.12 19.56 27.09
CA THR B 375 -2.40 19.90 26.48
C THR B 375 -3.41 18.87 26.90
N SER B 376 -4.63 19.29 27.20
CA SER B 376 -5.67 18.31 27.51
C SER B 376 -6.63 18.17 26.28
N PRO B 377 -7.02 16.95 25.95
CA PRO B 377 -7.99 16.77 24.87
C PRO B 377 -9.30 17.43 25.30
N LYS B 378 -10.04 18.01 24.37
CA LYS B 378 -11.28 18.68 24.67
C LYS B 378 -12.32 18.37 23.62
N SER B 379 -13.54 18.09 24.06
CA SER B 379 -14.62 17.75 23.18
C SER B 379 -15.39 18.95 22.71
N LEU B 380 -15.86 18.92 21.47
CA LEU B 380 -16.70 19.96 20.95
C LEU B 380 -18.15 19.54 21.06
N GLY B 381 -18.40 18.42 21.70
CA GLY B 381 -19.76 17.95 21.89
C GLY B 381 -19.98 16.59 21.25
N GLN B 382 -21.19 16.07 21.42
CA GLN B 382 -21.57 14.82 20.81
C GLN B 382 -22.48 15.13 19.61
N ALA B 383 -21.98 14.93 18.42
CA ALA B 383 -22.70 15.32 17.23
C ALA B 383 -23.79 14.34 16.90
N VAL B 384 -23.57 13.05 17.17
CA VAL B 384 -24.55 11.99 16.93
C VAL B 384 -24.40 10.99 18.05
N SER B 385 -25.42 10.16 18.26
CA SER B 385 -25.36 9.15 19.31
C SER B 385 -24.36 8.07 18.97
N ALA B 386 -24.02 7.26 19.96
CA ALA B 386 -23.11 6.16 19.72
C ALA B 386 -23.74 5.18 18.73
N ASP B 387 -25.03 4.90 18.88
CA ASP B 387 -25.68 3.97 17.97
C ASP B 387 -25.59 4.50 16.53
N THR B 388 -25.81 5.78 16.35
CA THR B 388 -25.70 6.36 15.00
C THR B 388 -24.29 6.22 14.44
N ALA B 389 -23.29 6.54 15.26
CA ALA B 389 -21.91 6.46 14.84
C ALA B 389 -21.59 5.03 14.38
N ALA B 390 -22.09 4.02 15.11
CA ALA B 390 -21.87 2.59 14.74
C ALA B 390 -22.45 2.31 13.38
N GLN B 391 -23.62 2.83 13.08
CA GLN B 391 -24.22 2.61 11.76
C GLN B 391 -23.43 3.30 10.65
N VAL B 392 -22.89 4.49 10.95
CA VAL B 392 -22.14 5.23 9.97
C VAL B 392 -20.85 4.51 9.71
N ARG B 393 -20.20 3.99 10.75
CA ARG B 393 -19.02 3.24 10.55
C ARG B 393 -19.28 2.04 9.65
N GLU B 394 -20.36 1.32 9.92
CA GLU B 394 -20.67 0.16 9.13
C GLU B 394 -20.89 0.54 7.67
N ALA B 395 -21.50 1.67 7.42
CA ALA B 395 -21.75 2.08 6.04
C ALA B 395 -20.43 2.44 5.35
N MSE B 396 -19.50 3.04 6.13
CA MSE B 396 -18.21 3.39 5.60
C MSE B 396 -17.37 2.14 5.32
O MSE B 396 -16.49 2.13 4.46
CB MSE B 396 -17.52 4.35 6.58
CG MSE B 396 -18.21 5.66 6.48
SE MSE B 396 -17.54 6.86 7.90
CE MSE B 396 -15.93 7.61 7.09
N LEU B 397 -17.61 1.09 6.08
CA LEU B 397 -16.87 -0.16 5.83
C LEU B 397 -17.30 -0.64 4.49
N GLY B 398 -18.58 -0.50 4.18
CA GLY B 398 -19.12 -0.94 2.87
C GLY B 398 -18.53 -0.18 1.70
N VAL B 399 -18.30 1.11 1.92
CA VAL B 399 -17.68 1.94 0.85
C VAL B 399 -16.38 1.29 0.40
N VAL B 400 -15.56 0.88 1.38
CA VAL B 400 -14.27 0.33 1.08
C VAL B 400 -14.27 -1.16 0.71
N GLU B 401 -15.16 -1.96 1.34
CA GLU B 401 -15.22 -3.37 1.04
C GLU B 401 -15.87 -3.67 -0.30
N SER B 402 -16.82 -2.87 -0.77
CA SER B 402 -17.52 -3.23 -1.99
C SER B 402 -17.95 -2.07 -2.80
N GLY B 403 -17.55 -0.87 -2.39
CA GLY B 403 -17.97 0.30 -3.10
C GLY B 403 -16.90 1.10 -3.80
N THR B 404 -17.09 2.41 -3.83
CA THR B 404 -16.20 3.31 -4.49
C THR B 404 -14.84 3.42 -3.80
N GLY B 405 -14.68 2.87 -2.59
CA GLY B 405 -13.41 3.00 -1.91
C GLY B 405 -12.58 1.73 -1.87
N MSE B 406 -12.84 0.78 -2.77
CA MSE B 406 -12.04 -0.45 -2.77
C MSE B 406 -10.56 -0.27 -2.90
O MSE B 406 -9.83 -1.13 -2.43
CB MSE B 406 -12.57 -1.41 -3.85
CG MSE B 406 -13.84 -1.99 -3.26
SE MSE B 406 -14.85 -3.05 -4.56
CE MSE B 406 -14.55 -2.14 -6.30
N GLY B 407 -10.12 0.83 -3.54
CA GLY B 407 -8.73 1.16 -3.70
C GLY B 407 -8.06 1.51 -2.38
N ALA B 408 -8.84 1.73 -1.32
CA ALA B 408 -8.29 2.04 -0.02
C ALA B 408 -8.02 0.77 0.76
N ARG B 409 -8.43 -0.38 0.22
CA ARG B 409 -8.18 -1.61 0.93
C ARG B 409 -6.69 -1.91 1.02
N VAL B 410 -6.31 -2.57 2.09
CA VAL B 410 -4.93 -2.96 2.28
C VAL B 410 -5.04 -4.38 2.85
N PRO B 411 -4.34 -5.37 2.26
CA PRO B 411 -4.46 -6.74 2.75
C PRO B 411 -4.14 -6.82 4.22
N GLY B 412 -4.91 -7.63 4.94
CA GLY B 412 -4.70 -7.86 6.39
C GLY B 412 -5.14 -6.81 7.38
N VAL B 413 -5.82 -5.76 6.94
CA VAL B 413 -6.36 -4.75 7.89
C VAL B 413 -7.73 -4.29 7.34
N LYS B 414 -8.71 -4.07 8.23
CA LYS B 414 -10.03 -3.57 7.82
C LYS B 414 -9.99 -2.05 7.92
N ILE B 415 -10.26 -1.44 6.78
CA ILE B 415 -10.29 -0.01 6.61
C ILE B 415 -11.69 0.40 6.18
N ALA B 416 -12.19 1.49 6.74
CA ALA B 416 -13.49 2.05 6.37
C ALA B 416 -13.30 3.52 6.01
N GLY B 417 -14.23 4.04 5.22
CA GLY B 417 -14.15 5.37 4.80
C GLY B 417 -15.22 5.86 3.82
N LYS B 418 -15.02 7.07 3.32
CA LYS B 418 -15.90 7.62 2.33
C LYS B 418 -15.07 8.44 1.34
N THR B 419 -15.38 8.26 0.07
CA THR B 419 -14.73 8.94 -1.00
C THR B 419 -15.55 10.11 -1.49
N GLY B 420 -14.94 10.91 -2.34
CA GLY B 420 -15.61 12.02 -2.99
C GLY B 420 -14.76 12.51 -4.13
N THR B 421 -15.41 13.07 -5.14
CA THR B 421 -14.73 13.67 -6.26
C THR B 421 -15.54 14.91 -6.63
N ALA B 422 -14.88 16.06 -6.74
CA ALA B 422 -15.56 17.29 -7.02
C ALA B 422 -14.92 18.07 -8.14
N ASP B 423 -15.77 18.46 -9.08
CA ASP B 423 -15.35 19.27 -10.23
C ASP B 423 -14.99 20.68 -9.75
N VAL B 424 -13.91 21.27 -10.28
CA VAL B 424 -13.53 22.67 -9.94
C VAL B 424 -13.37 23.43 -11.27
N GLU B 425 -12.57 24.48 -11.31
CA GLU B 425 -12.46 25.28 -12.54
C GLU B 425 -11.86 24.59 -13.78
N ASN B 426 -12.31 25.04 -14.95
CA ASN B 426 -11.84 24.57 -16.26
C ASN B 426 -11.46 23.09 -16.45
N GLY B 427 -12.35 22.17 -16.10
CA GLY B 427 -12.09 20.73 -16.25
C GLY B 427 -11.18 20.08 -15.20
N ASN B 428 -10.83 20.82 -14.17
CA ASN B 428 -10.02 20.24 -13.11
C ASN B 428 -10.92 19.60 -12.08
N PHE B 429 -10.44 18.60 -11.36
CA PHE B 429 -11.26 18.03 -10.28
C PHE B 429 -10.39 17.52 -9.14
N ASN B 430 -10.99 17.36 -7.96
CA ASN B 430 -10.29 16.94 -6.77
C ASN B 430 -10.86 15.66 -6.25
N SER B 431 -9.98 14.81 -5.73
CA SER B 431 -10.36 13.54 -5.17
C SER B 431 -10.16 13.61 -3.67
N PHE B 432 -11.14 13.08 -2.93
CA PHE B 432 -11.14 13.11 -1.48
C PHE B 432 -11.30 11.73 -0.87
N PHE B 433 -10.79 11.57 0.34
CA PHE B 433 -11.04 10.38 1.10
C PHE B 433 -10.91 10.71 2.58
N ILE B 434 -11.84 10.21 3.36
CA ILE B 434 -11.77 10.26 4.81
C ILE B 434 -11.94 8.81 5.21
N GLY B 435 -11.22 8.39 6.24
CA GLY B 435 -11.35 7.01 6.67
C GLY B 435 -10.71 6.73 7.98
N PHE B 436 -10.86 5.50 8.47
CA PHE B 436 -10.29 5.13 9.80
C PHE B 436 -9.94 3.66 9.82
N ALA B 437 -9.11 3.26 10.77
CA ALA B 437 -8.65 1.92 10.87
C ALA B 437 -8.02 1.69 12.28
N PRO B 438 -8.08 0.45 12.75
CA PRO B 438 -8.78 -0.68 12.14
C PRO B 438 -10.24 -0.42 12.33
N TYR B 439 -11.07 -1.12 11.57
CA TYR B 439 -12.51 -0.92 11.65
C TYR B 439 -13.07 -1.11 13.07
N ASP B 440 -12.69 -2.20 13.67
CA ASP B 440 -13.09 -2.46 15.00
C ASP B 440 -12.02 -1.72 15.88
N HIS B 441 -12.45 -0.93 16.83
CA HIS B 441 -11.54 -0.16 17.68
C HIS B 441 -10.52 0.67 16.90
N PRO B 442 -11.02 1.67 16.19
CA PRO B 442 -10.12 2.49 15.40
C PRO B 442 -9.12 3.24 16.25
N THR B 443 -7.87 3.36 15.80
CA THR B 443 -6.85 4.10 16.49
C THR B 443 -6.26 5.19 15.60
N LEU B 444 -6.76 5.34 14.37
CA LEU B 444 -6.29 6.36 13.45
C LEU B 444 -7.37 6.76 12.43
N VAL B 445 -7.28 8.01 12.02
CA VAL B 445 -8.16 8.60 11.02
C VAL B 445 -7.29 9.31 10.01
N VAL B 446 -7.73 9.34 8.77
CA VAL B 446 -7.01 10.02 7.73
C VAL B 446 -8.02 10.87 6.94
N SER B 447 -7.52 11.99 6.39
CA SER B 447 -8.31 12.86 5.56
C SER B 447 -7.40 13.30 4.45
N VAL B 448 -7.88 13.20 3.21
CA VAL B 448 -7.05 13.45 2.10
C VAL B 448 -7.74 14.21 0.98
N VAL B 449 -7.02 15.17 0.39
CA VAL B 449 -7.47 15.75 -0.92
C VAL B 449 -6.23 15.67 -1.84
N ILE B 450 -6.48 15.23 -3.06
CA ILE B 450 -5.48 15.20 -4.15
C ILE B 450 -6.13 16.09 -5.22
N GLU B 451 -5.47 17.19 -5.56
CA GLU B 451 -5.96 18.13 -6.52
C GLU B 451 -5.54 17.64 -7.90
N GLY B 452 -6.51 17.61 -8.80
CA GLY B 452 -6.22 17.08 -10.13
C GLY B 452 -5.45 18.04 -10.97
N ASN B 453 -5.85 19.30 -10.92
CA ASN B 453 -5.31 20.37 -11.77
C ASN B 453 -4.85 19.86 -13.16
N GLY B 454 -5.81 19.33 -13.89
CA GLY B 454 -5.63 18.89 -15.26
C GLY B 454 -5.49 17.39 -15.37
N GLU B 455 -4.84 16.78 -14.40
CA GLU B 455 -4.64 15.36 -14.45
C GLU B 455 -5.87 14.64 -13.93
N ASN B 456 -5.98 13.36 -14.29
CA ASN B 456 -7.10 12.50 -13.88
C ASN B 456 -6.83 11.83 -12.56
N VAL B 457 -7.27 12.43 -11.48
CA VAL B 457 -6.96 11.82 -10.20
C VAL B 457 -8.10 10.97 -9.61
N LEU B 458 -8.99 10.46 -10.45
CA LEU B 458 -10.14 9.71 -9.96
C LEU B 458 -9.75 8.53 -9.11
N GLY B 459 -10.24 8.51 -7.89
CA GLY B 459 -9.94 7.45 -6.93
C GLY B 459 -8.58 7.58 -6.24
N TYR B 460 -7.81 8.60 -6.56
CA TYR B 460 -6.49 8.75 -5.92
C TYR B 460 -6.58 8.98 -4.40
N GLY B 461 -7.55 9.77 -3.93
CA GLY B 461 -7.70 10.00 -2.50
C GLY B 461 -7.77 8.69 -1.70
N ALA B 462 -8.57 7.77 -2.21
CA ALA B 462 -8.72 6.41 -1.60
C ALA B 462 -7.44 5.57 -1.59
N GLN B 463 -6.74 5.58 -2.72
CA GLN B 463 -5.47 4.91 -2.84
C GLN B 463 -4.44 5.43 -1.82
N VAL B 464 -4.27 6.73 -1.78
CA VAL B 464 -3.34 7.39 -0.87
C VAL B 464 -3.75 7.19 0.60
N GLY B 465 -5.02 7.39 0.86
CA GLY B 465 -5.57 7.23 2.21
C GLY B 465 -5.37 5.83 2.80
N GLY B 466 -5.70 4.81 2.03
CA GLY B 466 -5.52 3.44 2.51
C GLY B 466 -4.05 3.16 2.79
N ARG B 467 -3.17 3.61 1.88
N ARG B 467 -3.17 3.55 1.87
CA ARG B 467 -1.75 3.30 2.02
CA ARG B 467 -1.74 3.28 2.03
C ARG B 467 -1.16 4.05 3.22
C ARG B 467 -1.26 3.99 3.29
N VAL B 468 -1.65 5.26 3.44
CA VAL B 468 -1.20 6.07 4.61
C VAL B 468 -1.65 5.43 5.94
N LEU B 469 -2.93 5.06 5.99
CA LEU B 469 -3.43 4.38 7.16
C LEU B 469 -2.65 3.10 7.48
N ALA B 470 -2.41 2.25 6.51
CA ALA B 470 -1.69 0.98 6.73
C ALA B 470 -0.30 1.22 7.24
N GLN B 471 0.40 2.16 6.58
CA GLN B 471 1.77 2.45 6.95
C GLN B 471 1.80 3.08 8.35
N CYS B 472 0.90 4.00 8.62
CA CYS B 472 0.90 4.63 9.98
C CYS B 472 0.50 3.63 11.06
N LEU B 473 -0.41 2.71 10.75
CA LEU B 473 -0.72 1.68 11.76
C LEU B 473 0.51 0.84 12.10
N ASN B 474 1.34 0.53 11.10
CA ASN B 474 2.54 -0.25 11.35
C ASN B 474 3.47 0.54 12.25
N ILE B 475 3.59 1.84 11.98
CA ILE B 475 4.37 2.71 12.86
C ILE B 475 3.79 2.73 14.27
N GLN B 476 2.47 2.85 14.42
CA GLN B 476 1.84 2.77 15.76
C GLN B 476 2.15 1.49 16.52
N ALA B 477 2.14 0.36 15.81
CA ALA B 477 2.42 -0.94 16.45
C ALA B 477 3.83 -1.10 17.03
N LEU B 478 4.79 -0.26 16.63
CA LEU B 478 6.17 -0.36 17.14
C LEU B 478 6.32 0.13 18.59
C24 35P C . -8.88 -9.59 -14.50
C23 35P C . -9.79 -9.85 -13.49
C22 35P C . -10.19 -8.82 -12.67
C21 35P C . -9.65 -7.56 -12.81
C20 35P C . -8.71 -7.32 -13.80
C19 35P C . -8.34 -8.34 -14.69
O1 35P C . -7.41 -8.07 -15.69
C2 35P C . -7.25 -8.51 -17.09
C3 35P C . -6.28 -7.43 -17.38
O18 35P C . -6.61 -6.48 -18.02
N4 35P C . -5.08 -7.62 -16.86
C5 35P C . -3.94 -6.95 -17.01
C6 35P C . -2.69 -7.74 -16.65
O17 35P C . -2.74 -8.51 -15.87
C8 35P C . -3.75 -5.51 -17.14
N7 35P C . -2.81 -5.43 -15.92
S11 35P C . -5.02 -4.45 -16.43
C10 35P C . -4.56 -4.46 -14.68
C12 35P C . -4.12 -3.05 -14.36
C15 35P C . -5.73 -4.79 -13.73
C9 35P C . -3.49 -5.50 -14.60
C13 35P C . -2.49 -5.29 -13.45
O14 35P C . -1.42 -4.70 -13.67
O16 35P C . -2.74 -5.76 -12.32
C24 35P D . -16.46 14.99 -10.92
C23 35P D . -15.41 15.10 -11.83
C22 35P D . -14.83 13.98 -12.38
C21 35P D . -15.29 12.73 -11.99
C20 35P D . -16.32 12.62 -11.07
C19 35P D . -16.94 13.75 -10.52
O1 35P D . -17.96 13.63 -9.58
C2 35P D . -19.33 14.12 -9.44
C3 35P D . -19.91 13.06 -8.58
O18 35P D . -20.77 12.28 -8.95
N4 35P D . -19.37 12.96 -7.31
C5 35P D . -19.66 12.09 -6.33
C6 35P D . -19.28 12.51 -5.05
O17 35P D . -18.36 13.23 -4.78
C8 35P D . -20.11 10.70 -6.47
N7 35P D . -19.06 10.16 -5.53
S11 35P D . -19.61 9.73 -7.91
C10 35P D . -17.96 9.23 -7.45
C12 35P D . -17.97 7.72 -7.36
C15 35P D . -16.92 9.57 -8.50
C9 35P D . -17.72 10.01 -6.17
C13 35P D . -16.68 9.38 -5.28
O14 35P D . -15.47 9.58 -5.54
O16 35P D . -17.01 8.69 -4.29
#